data_4NYI
#
_entry.id   4NYI
#
_cell.length_a   183.285
_cell.length_b   183.285
_cell.length_c   177.860
_cell.angle_alpha   90.00
_cell.angle_beta   90.00
_cell.angle_gamma   90.00
#
_symmetry.space_group_name_H-M   'I 4 2 2'
#
loop_
_entity.id
_entity.type
_entity.pdbx_description
1 polymer 'GTPase HRas'
2 polymer 'GTPase HRas'
3 polymer 'Son of sevenless homolog 1'
4 non-polymer 'MAGNESIUM ION'
5 non-polymer 'PHOSPHOAMINOPHOSPHONIC ACID-GUANYLATE ESTER'
6 non-polymer N-{1-[(5-methyl-1H-indol-3-yl)methyl]piperidin-4-yl}-L-tryptophanamide
7 water water
#
loop_
_entity_poly.entity_id
_entity_poly.type
_entity_poly.pdbx_seq_one_letter_code
_entity_poly.pdbx_strand_id
1 'polypeptide(L)'
;GMTEYKLVVVGAGGVGKSALTIQLIQNHFVDEYDPTIEDSYRKQVVIDGETCLLDILDTAGQEEASAMRDQYMRTGEGFL
CVFAINNTKSFEDIHQYREQIKRVKDSDDVPMVLVGNKCDLAARTVESRQAQDLARSYGIPYIETSAKTRQGVEDAFYTL
VREIRQH
;
Q
2 'polypeptide(L)'
;GMTEYKLVVVGAGGVGKSALTIQLIQNHFVDEYDPTIEDSYRKQVVIDGETCLLDILDTAGQEEYSAMRDQYMRTGEGFL
CVFAINNTKSFEDIHQYREQIKRVKDSDDVPMVLVGNKCDLAARTVESRQAQDLARSYGIPYIETSAKTRQGVEDAFYTL
VREIRQH
;
R
3 'polypeptide(L)'
;QMRLPSADVYRFAEPDSEENIIFEENMQPKAGIPIIKAGTVIKLIERLTYHMYADPNFVRTFLTTYRSFCKPQELLSLII
ERFEIPEPEPTEADRIAIENGDQPLSAELKRFRKEYIQPVQLRVLNVCRHWVEHHFYDFERDAYLLQRMEEFIGTVRGKA
MKKWVESITKIIQRKKIARDNGPGHNITFQSSPPTVEWHISRPGHIETFDLLTLHPIEIARQLTLLESDLYRAVQPSELV
GSVWTKEDKEINSPNLLKMIRHTTNLTLWFEKCIVETENLEERVAVVSRIIEILQVFQELNNFNGVLEVVSAMNSSPVYR
LDHTFEQIPSRQKKILEEAHELSEDHYKKYLAKLRSINPPCVPFFGIYLTNILKTEEGNPEVLKRHGKELINFSKRRKVA
EITGEIQQYQNQPYCLRVESDIKRFFENLNPMGNSMEKEFTDYLFNKSLEIEPRNPKPLPRFPKKYSYPLKSPGVRPSNP
R
;
S
#
# COMPACT_ATOMS: atom_id res chain seq x y z
N GLY A 1 17.41 7.02 0.63
CA GLY A 1 16.15 6.45 0.20
C GLY A 1 16.08 4.94 0.37
N MET A 2 16.65 4.44 1.47
CA MET A 2 16.89 3.00 1.76
C MET A 2 17.48 2.20 0.59
N THR A 3 18.53 1.45 0.90
CA THR A 3 19.21 0.70 -0.13
C THR A 3 18.34 -0.45 -0.65
N GLU A 4 18.32 -0.59 -1.98
CA GLU A 4 17.50 -1.60 -2.62
C GLU A 4 18.40 -2.68 -3.24
N TYR A 5 18.00 -3.94 -3.10
CA TYR A 5 18.82 -5.05 -3.58
C TYR A 5 18.01 -5.94 -4.49
N LYS A 6 18.48 -6.13 -5.71
CA LYS A 6 17.79 -6.97 -6.68
C LYS A 6 18.32 -8.40 -6.63
N LEU A 7 17.58 -9.27 -5.95
CA LEU A 7 17.91 -10.69 -5.89
C LEU A 7 17.12 -11.42 -6.96
N VAL A 8 17.73 -12.48 -7.50
CA VAL A 8 17.08 -13.35 -8.45
C VAL A 8 17.21 -14.79 -7.96
N VAL A 9 16.10 -15.52 -7.99
CA VAL A 9 16.13 -16.93 -7.61
C VAL A 9 16.03 -17.86 -8.83
N VAL A 10 17.12 -18.57 -9.15
CA VAL A 10 17.16 -19.44 -10.34
C VAL A 10 17.38 -20.90 -9.99
N GLY A 11 17.20 -21.79 -10.95
CA GLY A 11 17.30 -23.21 -10.71
C GLY A 11 16.25 -24.04 -11.47
N ALA A 12 16.56 -25.33 -11.65
CA ALA A 12 15.69 -26.29 -12.33
C ALA A 12 14.24 -26.29 -11.86
N GLY A 13 13.35 -26.83 -12.69
CA GLY A 13 11.94 -26.90 -12.36
C GLY A 13 11.66 -27.75 -11.15
N GLY A 14 10.81 -27.27 -10.25
CA GLY A 14 10.34 -28.07 -9.14
C GLY A 14 11.25 -28.12 -7.93
N VAL A 15 12.40 -27.48 -8.00
CA VAL A 15 13.32 -27.50 -6.87
C VAL A 15 12.77 -26.73 -5.67
N GLY A 16 11.90 -25.75 -5.92
CA GLY A 16 11.24 -25.03 -4.85
C GLY A 16 11.60 -23.56 -4.71
N LYS A 17 11.98 -22.94 -5.83
CA LYS A 17 12.29 -21.52 -5.82
C LYS A 17 11.11 -20.71 -5.28
N SER A 18 9.91 -20.96 -5.81
CA SER A 18 8.73 -20.23 -5.37
C SER A 18 8.39 -20.53 -3.91
N ALA A 19 8.56 -21.79 -3.51
CA ALA A 19 8.27 -22.18 -2.13
C ALA A 19 9.18 -21.44 -1.17
N LEU A 20 10.46 -21.35 -1.53
CA LEU A 20 11.44 -20.62 -0.72
C LEU A 20 11.08 -19.16 -0.61
N THR A 21 10.74 -18.55 -1.74
CA THR A 21 10.44 -17.12 -1.78
C THR A 21 9.18 -16.77 -1.00
N ILE A 22 8.11 -17.50 -1.24
CA ILE A 22 6.85 -17.23 -0.57
C ILE A 22 6.92 -17.55 0.94
N GLN A 23 7.81 -18.46 1.32
CA GLN A 23 8.03 -18.73 2.74
C GLN A 23 8.68 -17.52 3.38
N LEU A 24 9.68 -16.94 2.70
CA LEU A 24 10.36 -15.75 3.21
C LEU A 24 9.39 -14.60 3.33
N ILE A 25 8.59 -14.39 2.29
CA ILE A 25 7.68 -13.25 2.20
C ILE A 25 6.49 -13.38 3.16
N GLN A 26 5.82 -14.52 3.14
CA GLN A 26 4.54 -14.65 3.81
C GLN A 26 4.51 -15.61 4.99
N ASN A 27 5.65 -16.22 5.31
CA ASN A 27 5.69 -17.24 6.35
C ASN A 27 4.70 -18.36 6.10
N HIS A 28 4.52 -18.69 4.81
CA HIS A 28 3.52 -19.65 4.34
C HIS A 28 4.20 -20.68 3.40
N PHE A 29 3.86 -21.95 3.57
CA PHE A 29 4.37 -23.00 2.69
C PHE A 29 3.39 -23.39 1.60
N VAL A 30 3.71 -22.99 0.37
CA VAL A 30 2.96 -23.40 -0.80
C VAL A 30 3.13 -24.90 -1.02
N ASP A 31 2.03 -25.65 -1.01
CA ASP A 31 2.09 -27.09 -1.20
C ASP A 31 1.75 -27.53 -2.65
N GLU A 32 1.19 -26.61 -3.42
CA GLU A 32 0.88 -26.89 -4.82
C GLU A 32 2.11 -26.63 -5.68
N TYR A 33 2.18 -27.35 -6.80
CA TYR A 33 3.26 -27.16 -7.75
C TYR A 33 2.71 -26.42 -8.97
N ASP A 34 2.72 -25.10 -8.90
CA ASP A 34 2.36 -24.27 -10.05
C ASP A 34 3.61 -23.66 -10.67
N PRO A 35 3.94 -24.07 -11.90
CA PRO A 35 5.12 -23.60 -12.63
C PRO A 35 5.11 -22.10 -12.82
N THR A 36 6.19 -21.44 -12.41
CA THR A 36 6.32 -20.00 -12.51
C THR A 36 6.70 -19.61 -13.92
N ILE A 37 6.26 -18.43 -14.36
CA ILE A 37 6.79 -17.82 -15.57
C ILE A 37 7.73 -16.69 -15.15
N GLU A 38 7.21 -15.75 -14.36
CA GLU A 38 7.94 -14.56 -13.93
C GLU A 38 7.16 -13.89 -12.81
N ASP A 39 7.57 -14.06 -11.56
CA ASP A 39 6.93 -13.37 -10.43
C ASP A 39 7.90 -12.46 -9.69
N SER A 40 7.38 -11.42 -9.07
CA SER A 40 8.20 -10.43 -8.40
C SER A 40 7.72 -10.15 -6.96
N TYR A 41 8.64 -9.99 -6.03
CA TYR A 41 8.26 -9.70 -4.64
C TYR A 41 9.16 -8.65 -3.96
N ARG A 42 8.57 -7.87 -3.06
CA ARG A 42 9.31 -6.85 -2.33
C ARG A 42 9.24 -7.15 -0.84
N LYS A 43 10.32 -6.86 -0.13
CA LYS A 43 10.39 -7.12 1.31
C LYS A 43 11.34 -6.16 1.98
N GLN A 44 10.78 -5.31 2.85
CA GLN A 44 11.58 -4.45 3.71
C GLN A 44 11.98 -5.25 4.93
N VAL A 45 13.28 -5.27 5.23
CA VAL A 45 13.78 -6.08 6.32
C VAL A 45 15.07 -5.44 6.85
N VAL A 46 15.29 -5.55 8.15
CA VAL A 46 16.56 -5.09 8.73
C VAL A 46 17.54 -6.24 8.81
N ILE A 47 18.65 -6.13 8.10
CA ILE A 47 19.75 -7.09 8.16
C ILE A 47 21.00 -6.39 8.71
N ASP A 48 21.57 -6.95 9.77
CA ASP A 48 22.77 -6.40 10.42
C ASP A 48 22.61 -4.92 10.79
N GLY A 49 21.41 -4.53 11.20
CA GLY A 49 21.17 -3.19 11.69
C GLY A 49 20.93 -2.15 10.62
N GLU A 50 20.92 -2.57 9.35
CA GLU A 50 20.63 -1.66 8.26
C GLU A 50 19.30 -2.07 7.63
N THR A 51 18.44 -1.09 7.40
CA THR A 51 17.16 -1.38 6.76
C THR A 51 17.35 -1.41 5.26
N CYS A 52 16.82 -2.45 4.63
CA CYS A 52 16.88 -2.52 3.18
C CYS A 52 15.63 -3.10 2.56
N LEU A 53 15.50 -2.84 1.26
CA LEU A 53 14.38 -3.29 0.47
C LEU A 53 14.87 -4.37 -0.48
N LEU A 54 14.36 -5.60 -0.29
CA LEU A 54 14.69 -6.71 -1.16
C LEU A 54 13.69 -6.77 -2.34
N ASP A 55 14.24 -6.82 -3.55
CA ASP A 55 13.46 -7.04 -4.77
C ASP A 55 13.76 -8.42 -5.30
N ILE A 56 12.84 -9.34 -5.09
CA ILE A 56 13.08 -10.74 -5.41
C ILE A 56 12.39 -11.13 -6.71
N LEU A 57 13.18 -11.47 -7.72
CA LEU A 57 12.68 -11.98 -8.99
C LEU A 57 12.63 -13.50 -8.92
N ASP A 58 11.43 -14.07 -9.00
CA ASP A 58 11.26 -15.50 -8.94
C ASP A 58 11.09 -15.98 -10.37
N THR A 59 11.89 -16.94 -10.80
CA THR A 59 11.97 -17.30 -12.22
C THR A 59 11.45 -18.70 -12.56
N ALA A 60 11.42 -18.99 -13.86
CA ALA A 60 10.89 -20.23 -14.38
C ALA A 60 11.99 -21.28 -14.49
N GLY A 61 11.76 -22.44 -13.88
CA GLY A 61 12.71 -23.53 -13.99
C GLY A 61 12.48 -24.40 -15.22
N GLN A 62 11.21 -24.52 -15.60
CA GLN A 62 10.80 -25.32 -16.76
C GLN A 62 11.58 -24.90 -17.98
N GLU A 63 12.08 -25.91 -18.69
CA GLU A 63 12.98 -25.71 -19.83
C GLU A 63 12.35 -24.90 -20.96
N GLU A 64 11.03 -24.97 -21.05
CA GLU A 64 10.27 -24.27 -22.09
C GLU A 64 10.43 -22.75 -22.04
N ALA A 65 10.97 -22.25 -20.93
CA ALA A 65 11.17 -20.81 -20.74
C ALA A 65 12.64 -20.38 -20.74
N SER A 66 13.53 -21.25 -21.24
CA SER A 66 14.98 -21.02 -21.17
C SER A 66 15.49 -19.85 -22.01
N ALA A 67 14.68 -19.38 -22.95
CA ALA A 67 15.08 -18.27 -23.80
C ALA A 67 14.98 -16.92 -23.04
N MET A 68 14.09 -16.86 -22.07
CA MET A 68 13.80 -15.63 -21.34
C MET A 68 14.75 -15.37 -20.17
N ARG A 69 15.79 -16.20 -20.04
CA ARG A 69 16.73 -16.12 -18.93
C ARG A 69 17.63 -14.89 -18.96
N ASP A 70 18.38 -14.71 -20.06
CA ASP A 70 19.29 -13.58 -20.20
C ASP A 70 18.63 -12.29 -19.71
N GLN A 71 17.35 -12.17 -20.03
CA GLN A 71 16.53 -10.98 -19.77
C GLN A 71 16.56 -10.49 -18.32
N TYR A 72 16.70 -11.41 -17.37
CA TYR A 72 16.75 -11.04 -15.94
C TYR A 72 18.13 -11.08 -15.28
N MET A 73 19.02 -11.95 -15.77
CA MET A 73 20.37 -11.98 -15.24
C MET A 73 21.11 -10.67 -15.53
N ARG A 74 20.55 -9.83 -16.39
CA ARG A 74 21.15 -8.53 -16.66
C ARG A 74 20.95 -7.62 -15.47
N THR A 75 19.70 -7.50 -15.03
CA THR A 75 19.30 -6.62 -13.94
C THR A 75 19.86 -7.06 -12.58
N GLY A 76 19.73 -8.36 -12.30
CA GLY A 76 20.03 -8.93 -11.01
C GLY A 76 21.38 -8.61 -10.42
N GLU A 77 21.39 -8.33 -9.11
CA GLU A 77 22.59 -8.01 -8.36
C GLU A 77 23.22 -9.23 -7.68
N GLY A 78 22.40 -10.24 -7.44
CA GLY A 78 22.82 -11.41 -6.69
C GLY A 78 21.89 -12.56 -7.01
N PHE A 79 22.38 -13.79 -6.87
CA PHE A 79 21.58 -14.91 -7.34
C PHE A 79 21.48 -16.02 -6.32
N LEU A 80 20.27 -16.51 -6.13
CA LEU A 80 20.09 -17.74 -5.38
C LEU A 80 20.07 -18.88 -6.39
N CYS A 81 21.04 -19.79 -6.31
CA CYS A 81 21.05 -20.95 -7.18
C CYS A 81 20.54 -22.18 -6.47
N VAL A 82 19.31 -22.56 -6.77
CA VAL A 82 18.62 -23.59 -6.01
C VAL A 82 18.53 -24.93 -6.75
N PHE A 83 18.89 -26.00 -6.05
CA PHE A 83 18.65 -27.35 -6.51
C PHE A 83 17.94 -28.07 -5.36
N ALA A 84 17.39 -29.25 -5.60
CA ALA A 84 16.80 -30.02 -4.49
C ALA A 84 17.71 -31.21 -4.17
N ILE A 85 17.87 -31.47 -2.87
CA ILE A 85 18.79 -32.50 -2.40
C ILE A 85 18.30 -33.91 -2.68
N ASN A 86 17.09 -34.05 -3.23
CA ASN A 86 16.61 -35.36 -3.65
C ASN A 86 16.47 -35.44 -5.17
N ASN A 87 17.19 -34.58 -5.87
CA ASN A 87 17.13 -34.53 -7.32
C ASN A 87 18.50 -34.33 -7.97
N THR A 88 19.21 -35.42 -8.23
CA THR A 88 20.57 -35.36 -8.75
C THR A 88 20.64 -34.53 -10.02
N LYS A 89 19.59 -34.59 -10.82
CA LYS A 89 19.56 -33.84 -12.07
C LYS A 89 19.55 -32.34 -11.80
N SER A 90 18.80 -31.92 -10.79
CA SER A 90 18.72 -30.50 -10.48
C SER A 90 20.05 -30.00 -9.96
N PHE A 91 20.83 -30.89 -9.37
CA PHE A 91 22.18 -30.52 -8.93
C PHE A 91 23.09 -30.34 -10.14
N GLU A 92 23.04 -31.28 -11.07
CA GLU A 92 23.86 -31.19 -12.27
C GLU A 92 23.55 -29.94 -13.12
N ASP A 93 22.30 -29.48 -13.09
CA ASP A 93 21.89 -28.33 -13.92
C ASP A 93 22.47 -27.02 -13.39
N ILE A 94 22.89 -27.03 -12.12
CA ILE A 94 23.36 -25.84 -11.44
C ILE A 94 24.56 -25.24 -12.17
N HIS A 95 25.45 -26.11 -12.61
N HIS A 95 25.47 -26.10 -12.62
CA HIS A 95 26.66 -25.70 -13.31
CA HIS A 95 26.67 -25.63 -13.30
C HIS A 95 26.30 -24.81 -14.50
C HIS A 95 26.31 -24.79 -14.53
N GLN A 96 25.20 -25.14 -15.17
CA GLN A 96 24.75 -24.41 -16.35
C GLN A 96 24.22 -23.02 -15.99
N TYR A 97 23.48 -22.94 -14.88
CA TYR A 97 22.99 -21.66 -14.38
C TYR A 97 24.12 -20.72 -14.01
N ARG A 98 25.06 -21.22 -13.19
CA ARG A 98 26.27 -20.49 -12.82
C ARG A 98 27.04 -19.97 -14.04
N GLU A 99 27.20 -20.83 -15.04
CA GLU A 99 27.96 -20.49 -16.23
C GLU A 99 27.23 -19.44 -17.07
N GLN A 100 25.90 -19.54 -17.16
CA GLN A 100 25.13 -18.55 -17.90
C GLN A 100 25.19 -17.16 -17.25
N ILE A 101 25.06 -17.12 -15.92
CA ILE A 101 25.16 -15.87 -15.16
C ILE A 101 26.52 -15.20 -15.37
N LYS A 102 27.59 -15.95 -15.15
CA LYS A 102 28.96 -15.46 -15.36
C LYS A 102 29.11 -14.82 -16.74
N ARG A 103 28.56 -15.52 -17.74
N ARG A 103 28.57 -15.50 -17.76
CA ARG A 103 28.58 -15.13 -19.14
CA ARG A 103 28.65 -15.02 -19.14
C ARG A 103 27.87 -13.79 -19.38
C ARG A 103 27.89 -13.72 -19.35
N VAL A 104 26.61 -13.72 -18.98
CA VAL A 104 25.74 -12.56 -19.22
C VAL A 104 26.24 -11.28 -18.54
N LYS A 105 26.63 -11.38 -17.28
CA LYS A 105 27.09 -10.22 -16.52
C LYS A 105 28.55 -9.92 -16.80
N ASP A 106 29.22 -10.89 -17.45
CA ASP A 106 30.65 -10.79 -17.75
C ASP A 106 31.53 -10.52 -16.52
N SER A 107 31.41 -11.37 -15.50
CA SER A 107 32.28 -11.25 -14.36
C SER A 107 32.49 -12.61 -13.71
N ASP A 108 33.58 -12.73 -12.95
CA ASP A 108 33.86 -13.93 -12.16
C ASP A 108 33.28 -13.72 -10.76
N ASP A 109 33.35 -12.47 -10.28
CA ASP A 109 32.80 -12.08 -8.97
C ASP A 109 31.34 -11.60 -9.03
N VAL A 110 30.42 -12.55 -9.19
CA VAL A 110 29.00 -12.26 -9.12
C VAL A 110 28.47 -12.86 -7.84
N PRO A 111 27.86 -12.01 -6.98
CA PRO A 111 27.29 -12.43 -5.70
C PRO A 111 26.29 -13.57 -5.87
N MET A 112 26.60 -14.76 -5.37
CA MET A 112 25.59 -15.80 -5.34
C MET A 112 25.76 -16.79 -4.21
N VAL A 113 24.67 -17.50 -3.91
CA VAL A 113 24.61 -18.52 -2.88
C VAL A 113 24.11 -19.84 -3.52
N LEU A 114 24.67 -20.97 -3.10
CA LEU A 114 24.24 -22.28 -3.59
C LEU A 114 23.28 -22.83 -2.56
N VAL A 115 21.99 -22.94 -2.93
CA VAL A 115 20.97 -23.41 -2.00
C VAL A 115 20.57 -24.84 -2.32
N GLY A 116 20.73 -25.75 -1.36
CA GLY A 116 20.23 -27.10 -1.52
C GLY A 116 18.92 -27.25 -0.78
N ASN A 117 17.81 -27.18 -1.52
CA ASN A 117 16.48 -27.14 -0.90
C ASN A 117 15.88 -28.52 -0.65
N LYS A 118 14.76 -28.53 0.09
CA LYS A 118 14.02 -29.73 0.45
C LYS A 118 14.74 -30.63 1.44
N CYS A 119 15.56 -30.02 2.31
CA CYS A 119 16.38 -30.77 3.25
C CYS A 119 15.58 -31.34 4.41
N ASP A 120 14.27 -31.12 4.41
CA ASP A 120 13.40 -31.74 5.40
C ASP A 120 13.06 -33.17 4.99
N LEU A 121 13.26 -33.49 3.71
CA LEU A 121 13.01 -34.83 3.20
C LEU A 121 14.21 -35.71 3.49
N ALA A 122 13.93 -36.93 3.95
CA ALA A 122 14.99 -37.86 4.33
C ALA A 122 15.62 -38.57 3.12
N ALA A 123 14.86 -38.69 2.04
CA ALA A 123 15.33 -39.37 0.83
C ALA A 123 16.41 -38.59 0.07
N ARG A 124 17.50 -38.24 0.75
CA ARG A 124 18.58 -37.44 0.15
C ARG A 124 19.39 -38.19 -0.96
N THR A 125 19.67 -37.52 -2.07
CA THR A 125 20.40 -38.15 -3.17
C THR A 125 21.54 -37.27 -3.70
N VAL A 126 21.68 -36.08 -3.13
CA VAL A 126 22.86 -35.27 -3.34
C VAL A 126 23.53 -35.09 -1.98
N GLU A 127 24.83 -35.34 -1.90
CA GLU A 127 25.51 -35.29 -0.61
C GLU A 127 26.04 -33.91 -0.30
N SER A 128 25.95 -33.49 0.96
CA SER A 128 26.41 -32.17 1.39
C SER A 128 27.80 -31.86 0.85
N ARG A 129 28.67 -32.86 0.93
CA ARG A 129 30.05 -32.71 0.54
C ARG A 129 30.17 -32.40 -0.97
N GLN A 130 29.44 -33.17 -1.77
CA GLN A 130 29.38 -32.99 -3.22
C GLN A 130 29.03 -31.53 -3.57
N ALA A 131 27.97 -31.00 -2.94
CA ALA A 131 27.55 -29.61 -3.12
C ALA A 131 28.53 -28.60 -2.52
N GLN A 132 29.05 -28.93 -1.35
CA GLN A 132 30.00 -28.06 -0.68
C GLN A 132 31.26 -27.91 -1.54
N ASP A 133 31.66 -28.99 -2.19
CA ASP A 133 32.83 -28.96 -3.06
C ASP A 133 32.59 -28.04 -4.26
N LEU A 134 31.39 -28.12 -4.82
CA LEU A 134 31.04 -27.24 -5.92
C LEU A 134 31.01 -25.78 -5.46
N ALA A 135 30.49 -25.53 -4.26
CA ALA A 135 30.38 -24.17 -3.74
C ALA A 135 31.74 -23.48 -3.68
N ARG A 136 32.74 -24.19 -3.18
CA ARG A 136 34.08 -23.62 -3.01
C ARG A 136 34.75 -23.34 -4.34
N SER A 137 34.49 -24.20 -5.32
CA SER A 137 35.06 -24.01 -6.65
C SER A 137 34.47 -22.75 -7.26
N TYR A 138 33.29 -22.36 -6.79
CA TYR A 138 32.64 -21.13 -7.21
C TYR A 138 33.02 -19.94 -6.32
N GLY A 139 33.54 -20.24 -5.13
CA GLY A 139 33.88 -19.21 -4.17
C GLY A 139 32.65 -18.61 -3.53
N ILE A 140 31.67 -19.47 -3.25
CA ILE A 140 30.37 -19.05 -2.73
C ILE A 140 29.87 -20.00 -1.62
N PRO A 141 29.06 -19.48 -0.69
CA PRO A 141 28.58 -20.28 0.42
C PRO A 141 27.50 -21.28 0.01
N TYR A 142 27.45 -22.41 0.71
CA TYR A 142 26.44 -23.42 0.45
C TYR A 142 25.52 -23.50 1.66
N ILE A 143 24.22 -23.31 1.43
CA ILE A 143 23.24 -23.33 2.49
C ILE A 143 22.12 -24.31 2.15
N GLU A 144 21.85 -25.26 3.06
CA GLU A 144 20.74 -26.19 2.91
C GLU A 144 19.51 -25.63 3.60
N THR A 145 18.36 -25.72 2.91
CA THR A 145 17.14 -25.08 3.36
C THR A 145 15.91 -25.97 3.15
N SER A 146 14.84 -25.62 3.84
CA SER A 146 13.54 -26.26 3.65
C SER A 146 12.48 -25.17 3.63
N ALA A 147 11.79 -25.05 2.51
CA ALA A 147 10.73 -24.06 2.40
C ALA A 147 9.51 -24.48 3.20
N LYS A 148 9.46 -25.74 3.63
CA LYS A 148 8.31 -26.25 4.36
C LYS A 148 8.44 -25.88 5.81
N THR A 149 9.69 -25.85 6.23
CA THR A 149 10.06 -25.96 7.62
C THR A 149 10.62 -24.64 8.14
N ARG A 150 11.02 -23.79 7.20
CA ARG A 150 11.68 -22.48 7.40
C ARG A 150 13.18 -22.58 7.67
N GLN A 151 13.72 -23.79 7.74
CA GLN A 151 15.13 -23.93 8.05
C GLN A 151 15.99 -23.38 6.94
N GLY A 152 16.91 -22.50 7.28
CA GLY A 152 17.87 -21.99 6.32
C GLY A 152 17.36 -20.89 5.42
N VAL A 153 16.03 -20.72 5.35
CA VAL A 153 15.43 -19.76 4.41
C VAL A 153 15.97 -18.34 4.57
N GLU A 154 15.94 -17.82 5.79
CA GLU A 154 16.45 -16.47 6.02
C GLU A 154 17.95 -16.43 5.87
N ASP A 155 18.59 -17.50 6.33
CA ASP A 155 20.03 -17.60 6.24
C ASP A 155 20.50 -17.51 4.78
N ALA A 156 19.76 -18.14 3.87
CA ALA A 156 20.13 -18.13 2.44
C ALA A 156 19.96 -16.76 1.81
N PHE A 157 18.77 -16.17 1.95
CA PHE A 157 18.49 -14.85 1.38
C PHE A 157 19.35 -13.76 2.01
N TYR A 158 19.49 -13.81 3.33
CA TYR A 158 20.21 -12.72 3.97
C TYR A 158 21.70 -12.86 3.74
N THR A 159 22.20 -14.09 3.62
CA THR A 159 23.60 -14.28 3.24
C THR A 159 23.89 -13.65 1.88
N LEU A 160 22.94 -13.80 0.96
CA LEU A 160 23.07 -13.22 -0.36
C LEU A 160 23.17 -11.70 -0.26
N VAL A 161 22.34 -11.09 0.59
CA VAL A 161 22.39 -9.64 0.80
C VAL A 161 23.77 -9.19 1.30
N ARG A 162 24.31 -9.91 2.27
CA ARG A 162 25.65 -9.62 2.77
C ARG A 162 26.71 -9.64 1.65
N GLU A 163 26.57 -10.61 0.74
CA GLU A 163 27.50 -10.68 -0.38
C GLU A 163 27.39 -9.46 -1.31
N ILE A 164 26.16 -9.07 -1.64
CA ILE A 164 25.91 -7.90 -2.49
C ILE A 164 26.42 -6.61 -1.87
N ARG A 165 26.36 -6.52 -0.53
CA ARG A 165 26.86 -5.37 0.21
C ARG A 165 28.37 -5.20 0.09
N GLN A 166 29.10 -6.29 0.31
CA GLN A 166 30.56 -6.32 0.20
C GLN A 166 31.09 -6.18 -1.25
N HIS A 167 30.26 -6.50 -2.23
CA HIS A 167 30.66 -6.39 -3.63
C HIS A 167 30.80 -4.92 -4.03
N GLY B 1 12.69 33.60 8.19
CA GLY B 1 12.77 35.05 8.23
C GLY B 1 11.46 35.71 7.87
N MET B 2 10.74 35.10 6.92
CA MET B 2 9.40 35.54 6.56
C MET B 2 8.34 34.72 7.29
N THR B 3 7.11 35.21 7.28
CA THR B 3 6.02 34.57 8.01
C THR B 3 5.61 33.28 7.32
N GLU B 4 5.43 32.22 8.10
CA GLU B 4 4.84 30.98 7.58
C GLU B 4 3.41 30.83 8.11
N TYR B 5 2.46 30.64 7.20
CA TYR B 5 1.05 30.46 7.58
C TYR B 5 0.63 29.00 7.47
N LYS B 6 -0.11 28.53 8.47
CA LYS B 6 -0.61 27.17 8.47
C LYS B 6 -2.07 27.17 8.07
N LEU B 7 -2.34 26.69 6.86
CA LEU B 7 -3.70 26.68 6.37
C LEU B 7 -4.26 25.25 6.38
N VAL B 8 -5.48 25.10 6.89
CA VAL B 8 -6.12 23.78 6.93
C VAL B 8 -7.39 23.74 6.10
N VAL B 9 -7.48 22.79 5.18
CA VAL B 9 -8.67 22.67 4.35
C VAL B 9 -9.58 21.61 4.95
N VAL B 10 -10.82 21.99 5.22
CA VAL B 10 -11.79 21.04 5.75
C VAL B 10 -13.06 21.08 4.90
N GLY B 11 -13.89 20.06 5.05
CA GLY B 11 -15.12 19.96 4.28
C GLY B 11 -15.48 18.53 3.96
N ALA B 12 -16.73 18.32 3.56
CA ALA B 12 -17.21 16.99 3.20
C ALA B 12 -16.34 16.38 2.12
N GLY B 13 -16.27 15.06 2.13
CA GLY B 13 -15.42 14.37 1.18
C GLY B 13 -16.19 13.92 -0.02
N GLY B 14 -15.47 13.38 -0.99
CA GLY B 14 -16.09 12.81 -2.18
C GLY B 14 -16.59 13.83 -3.19
N VAL B 15 -16.34 15.12 -2.93
CA VAL B 15 -16.75 16.15 -3.88
C VAL B 15 -15.59 16.77 -4.67
N GLY B 16 -15.18 17.99 -4.35
CA GLY B 16 -14.12 18.62 -5.12
C GLY B 16 -12.87 19.01 -4.35
N LYS B 17 -13.01 19.08 -3.03
CA LYS B 17 -11.97 19.53 -2.10
C LYS B 17 -10.51 19.52 -2.56
N SER B 18 -9.97 18.33 -2.87
CA SER B 18 -8.53 18.18 -3.19
C SER B 18 -8.05 19.06 -4.34
N ALA B 19 -8.95 19.27 -5.30
CA ALA B 19 -8.69 20.07 -6.49
C ALA B 19 -8.20 21.47 -6.13
N LEU B 20 -8.78 22.04 -5.07
CA LEU B 20 -8.38 23.35 -4.57
C LEU B 20 -6.89 23.48 -4.28
N THR B 21 -6.42 22.80 -3.26
CA THR B 21 -5.02 22.86 -2.88
C THR B 21 -4.09 22.47 -4.02
N ILE B 22 -4.45 21.44 -4.78
CA ILE B 22 -3.64 21.01 -5.93
C ILE B 22 -3.47 22.16 -6.91
N GLN B 23 -4.58 22.80 -7.25
CA GLN B 23 -4.59 23.90 -8.21
C GLN B 23 -3.72 25.09 -7.85
N LEU B 24 -3.57 25.32 -6.54
CA LEU B 24 -2.73 26.39 -6.02
C LEU B 24 -1.27 26.01 -6.13
N ILE B 25 -0.89 24.96 -5.41
CA ILE B 25 0.48 24.44 -5.32
C ILE B 25 1.17 24.22 -6.67
N GLN B 26 0.52 23.49 -7.55
CA GLN B 26 1.03 23.22 -8.88
C GLN B 26 0.86 24.45 -9.77
N ASN B 27 1.29 24.32 -11.01
CA ASN B 27 0.85 25.20 -12.08
C ASN B 27 0.96 24.39 -13.36
N HIS B 28 -0.01 23.51 -13.59
CA HIS B 28 0.09 22.45 -14.62
C HIS B 28 0.45 22.91 -16.03
N PHE B 29 1.33 23.90 -16.10
CA PHE B 29 1.99 24.26 -17.34
C PHE B 29 3.23 23.36 -17.45
N VAL B 30 3.38 22.52 -16.42
CA VAL B 30 4.18 21.29 -16.44
C VAL B 30 3.29 20.16 -15.90
N ASP B 31 3.19 19.06 -16.64
CA ASP B 31 2.36 17.93 -16.22
C ASP B 31 3.02 17.07 -15.14
N GLU B 32 2.31 16.03 -14.72
CA GLU B 32 2.74 15.15 -13.62
C GLU B 32 2.81 15.87 -12.25
N TYR B 33 1.75 15.70 -11.45
CA TYR B 33 1.69 16.13 -10.05
C TYR B 33 1.88 14.94 -9.09
N ASP B 34 2.70 15.12 -8.05
CA ASP B 34 3.03 14.02 -7.13
C ASP B 34 2.97 14.47 -5.67
N PRO B 35 1.88 14.11 -4.97
CA PRO B 35 1.66 14.52 -3.58
C PRO B 35 2.59 13.77 -2.64
N THR B 36 3.22 12.74 -3.17
CA THR B 36 4.24 11.96 -2.48
C THR B 36 5.43 12.84 -2.11
N ILE B 37 5.71 13.79 -3.01
CA ILE B 37 6.89 14.66 -2.94
C ILE B 37 6.80 15.64 -1.79
N GLU B 38 7.87 15.68 -0.99
CA GLU B 38 8.00 16.62 0.13
C GLU B 38 7.77 18.04 -0.33
N ASP B 39 7.15 18.84 0.53
CA ASP B 39 6.90 20.25 0.23
C ASP B 39 6.12 20.44 -1.09
N SER B 40 5.26 19.48 -1.42
CA SER B 40 4.28 19.65 -2.48
C SER B 40 2.99 20.17 -1.85
N TYR B 41 3.16 20.69 -0.63
CA TYR B 41 2.12 21.38 0.14
C TYR B 41 2.74 22.66 0.73
N ARG B 42 3.92 23.01 0.21
CA ARG B 42 4.62 24.25 0.57
C ARG B 42 4.69 25.18 -0.65
N LYS B 43 4.38 26.47 -0.44
CA LYS B 43 4.27 27.40 -1.56
C LYS B 43 4.54 28.83 -1.13
N GLN B 44 5.55 29.44 -1.76
CA GLN B 44 5.92 30.82 -1.46
C GLN B 44 5.16 31.79 -2.34
N VAL B 45 4.57 32.81 -1.74
CA VAL B 45 3.67 33.68 -2.48
C VAL B 45 3.76 35.12 -1.98
N VAL B 46 3.38 36.04 -2.87
CA VAL B 46 3.32 37.43 -2.48
C VAL B 46 1.87 37.87 -2.44
N ILE B 47 1.41 38.21 -1.25
CA ILE B 47 0.06 38.65 -1.04
C ILE B 47 0.15 40.06 -0.49
N ASP B 48 -0.41 41.02 -1.21
CA ASP B 48 -0.35 42.44 -0.86
C ASP B 48 1.08 42.93 -0.73
N GLY B 49 1.96 42.44 -1.60
CA GLY B 49 3.36 42.84 -1.58
C GLY B 49 4.12 42.50 -0.30
N GLU B 50 3.61 41.55 0.47
CA GLU B 50 4.34 41.00 1.61
C GLU B 50 4.54 39.51 1.37
N THR B 51 5.78 39.11 1.09
CA THR B 51 6.07 37.71 0.82
C THR B 51 5.91 36.85 2.08
N CYS B 52 5.35 35.66 1.89
CA CYS B 52 5.17 34.70 2.96
C CYS B 52 5.14 33.27 2.43
N LEU B 53 5.16 32.31 3.34
CA LEU B 53 5.11 30.90 3.00
C LEU B 53 3.77 30.28 3.46
N LEU B 54 3.11 29.59 2.55
CA LEU B 54 1.84 28.93 2.84
C LEU B 54 2.07 27.42 3.04
N ASP B 55 1.69 26.93 4.21
CA ASP B 55 1.73 25.49 4.49
C ASP B 55 0.30 24.94 4.49
N ILE B 56 -0.08 24.23 3.43
CA ILE B 56 -1.45 23.73 3.31
C ILE B 56 -1.63 22.27 3.72
N LEU B 57 -2.38 22.04 4.80
CA LEU B 57 -2.81 20.70 5.21
C LEU B 57 -4.17 20.39 4.64
N ASP B 58 -4.20 19.55 3.62
CA ASP B 58 -5.45 19.09 3.04
C ASP B 58 -5.46 17.57 3.15
N THR B 59 -6.28 17.04 4.06
CA THR B 59 -6.32 15.61 4.33
C THR B 59 -7.41 14.93 3.53
N ALA B 60 -7.70 15.45 2.34
CA ALA B 60 -8.74 14.89 1.48
C ALA B 60 -8.57 13.39 1.35
N GLY B 61 -9.66 12.66 1.59
CA GLY B 61 -9.65 11.22 1.49
C GLY B 61 -9.71 10.52 2.83
N GLN B 62 -9.45 11.27 3.90
CA GLN B 62 -9.43 10.70 5.26
C GLN B 62 -10.64 11.09 6.06
N GLU B 63 -11.72 11.46 5.36
CA GLU B 63 -12.92 11.96 5.99
C GLU B 63 -13.55 10.95 6.94
N GLU B 64 -13.41 9.67 6.61
CA GLU B 64 -14.02 8.64 7.40
C GLU B 64 -13.31 8.50 8.76
N TYR B 65 -12.08 9.00 8.84
CA TYR B 65 -11.34 9.05 10.11
C TYR B 65 -11.79 10.27 10.90
N SER B 66 -13.03 10.25 11.38
CA SER B 66 -13.68 11.44 11.93
C SER B 66 -13.12 11.88 13.29
N ALA B 67 -12.51 10.95 14.01
CA ALA B 67 -11.92 11.28 15.30
C ALA B 67 -10.51 11.87 15.18
N MET B 68 -9.97 11.88 13.96
CA MET B 68 -8.65 12.46 13.73
C MET B 68 -8.82 13.92 13.38
N ARG B 69 -10.06 14.35 13.30
CA ARG B 69 -10.36 15.71 12.87
C ARG B 69 -9.85 16.82 13.82
N ASP B 70 -10.09 16.68 15.12
CA ASP B 70 -9.55 17.63 16.09
C ASP B 70 -8.02 17.76 15.94
N GLN B 71 -7.35 16.62 15.82
CA GLN B 71 -5.89 16.59 15.66
C GLN B 71 -5.37 17.44 14.49
N TYR B 72 -5.96 17.22 13.32
CA TYR B 72 -5.57 17.92 12.10
C TYR B 72 -5.87 19.41 12.19
N MET B 73 -7.04 19.74 12.71
CA MET B 73 -7.50 21.12 12.81
C MET B 73 -6.62 21.93 13.75
N ARG B 74 -6.20 21.26 14.83
CA ARG B 74 -5.41 21.88 15.88
C ARG B 74 -4.11 22.49 15.32
N THR B 75 -3.59 21.88 14.27
CA THR B 75 -2.32 22.29 13.67
C THR B 75 -2.36 23.62 12.91
N GLY B 76 -3.53 24.22 12.74
CA GLY B 76 -3.65 25.35 11.82
C GLY B 76 -4.11 26.71 12.33
N GLU B 77 -3.63 27.78 11.70
CA GLU B 77 -4.00 29.15 12.06
C GLU B 77 -5.26 29.62 11.35
N GLY B 78 -5.45 29.16 10.12
CA GLY B 78 -6.57 29.61 9.31
C GLY B 78 -7.23 28.46 8.58
N PHE B 79 -8.49 28.64 8.22
CA PHE B 79 -9.28 27.52 7.78
C PHE B 79 -10.07 27.83 6.52
N LEU B 80 -9.99 26.91 5.56
CA LEU B 80 -10.79 26.94 4.36
C LEU B 80 -11.91 25.94 4.56
N CYS B 81 -13.14 26.41 4.74
CA CYS B 81 -14.28 25.51 4.90
C CYS B 81 -14.98 25.30 3.57
N VAL B 82 -14.78 24.13 2.96
CA VAL B 82 -15.19 23.89 1.58
C VAL B 82 -16.42 23.00 1.44
N PHE B 83 -17.35 23.40 0.58
CA PHE B 83 -18.49 22.56 0.21
C PHE B 83 -18.62 22.60 -1.31
N ALA B 84 -19.48 21.77 -1.88
CA ALA B 84 -19.61 21.72 -3.33
C ALA B 84 -20.98 22.26 -3.69
N ILE B 85 -20.99 23.12 -4.70
CA ILE B 85 -22.19 23.88 -5.03
C ILE B 85 -23.29 22.98 -5.56
N ASN B 86 -22.92 21.77 -5.97
CA ASN B 86 -23.89 20.79 -6.45
C ASN B 86 -24.03 19.60 -5.51
N ASN B 87 -23.87 19.88 -4.21
CA ASN B 87 -24.07 18.88 -3.18
C ASN B 87 -24.55 19.54 -1.90
N THR B 88 -25.87 19.60 -1.73
CA THR B 88 -26.45 20.30 -0.59
C THR B 88 -25.98 19.76 0.77
N LYS B 89 -25.75 18.45 0.85
CA LYS B 89 -25.35 17.91 2.13
C LYS B 89 -24.06 18.57 2.58
N SER B 90 -23.09 18.68 1.66
CA SER B 90 -21.78 19.25 2.01
C SER B 90 -21.90 20.69 2.48
N PHE B 91 -22.88 21.40 1.95
CA PHE B 91 -23.18 22.75 2.39
C PHE B 91 -23.71 22.77 3.81
N GLU B 92 -24.65 21.86 4.10
CA GLU B 92 -25.28 21.73 5.43
C GLU B 92 -24.30 21.23 6.48
N ASP B 93 -23.27 20.52 6.03
CA ASP B 93 -22.18 20.06 6.88
C ASP B 93 -21.38 21.25 7.41
N ILE B 94 -21.39 22.38 6.67
CA ILE B 94 -20.47 23.48 6.95
C ILE B 94 -20.58 23.97 8.39
N HIS B 95 -21.81 24.15 8.85
CA HIS B 95 -22.07 24.58 10.23
C HIS B 95 -21.29 23.75 11.26
N GLN B 96 -21.32 22.43 11.13
CA GLN B 96 -20.66 21.56 12.10
C GLN B 96 -19.14 21.66 12.06
N TYR B 97 -18.57 21.80 10.86
CA TYR B 97 -17.12 21.99 10.76
C TYR B 97 -16.72 23.24 11.49
N ARG B 98 -17.45 24.32 11.23
CA ARG B 98 -17.15 25.61 11.85
C ARG B 98 -17.24 25.51 13.37
N GLU B 99 -18.33 24.93 13.85
CA GLU B 99 -18.54 24.74 15.29
C GLU B 99 -17.39 23.93 15.88
N GLN B 100 -16.92 22.96 15.12
CA GLN B 100 -15.84 22.09 15.58
C GLN B 100 -14.50 22.82 15.65
N ILE B 101 -14.23 23.67 14.67
CA ILE B 101 -13.02 24.49 14.65
C ILE B 101 -12.99 25.47 15.82
N LYS B 102 -14.11 26.17 16.03
CA LYS B 102 -14.28 27.07 17.18
C LYS B 102 -13.92 26.35 18.47
N ARG B 103 -14.38 25.11 18.57
CA ARG B 103 -14.11 24.29 19.75
C ARG B 103 -12.62 23.95 19.97
N VAL B 104 -11.89 23.49 18.96
CA VAL B 104 -10.50 23.08 19.21
C VAL B 104 -9.53 24.26 19.36
N LYS B 105 -9.79 25.34 18.63
CA LYS B 105 -9.03 26.58 18.78
C LYS B 105 -9.43 27.34 20.09
N ASP B 106 -10.61 27.03 20.62
CA ASP B 106 -11.14 27.69 21.81
C ASP B 106 -11.29 29.22 21.61
N SER B 107 -12.07 29.59 20.61
CA SER B 107 -12.27 30.98 20.26
C SER B 107 -13.54 31.17 19.44
N ASP B 108 -14.15 32.35 19.53
CA ASP B 108 -15.40 32.61 18.82
C ASP B 108 -15.08 33.15 17.44
N ASP B 109 -13.92 33.77 17.28
CA ASP B 109 -13.46 34.08 15.93
C ASP B 109 -12.07 33.55 15.59
N VAL B 110 -12.09 32.58 14.66
CA VAL B 110 -10.91 31.95 14.13
C VAL B 110 -10.90 32.41 12.69
N PRO B 111 -9.73 32.81 12.17
CA PRO B 111 -9.64 33.23 10.77
C PRO B 111 -10.12 32.10 9.87
N MET B 112 -11.28 32.28 9.25
CA MET B 112 -11.75 31.26 8.32
C MET B 112 -12.47 31.85 7.10
N VAL B 113 -12.48 31.07 6.02
CA VAL B 113 -13.10 31.47 4.78
C VAL B 113 -14.07 30.37 4.34
N LEU B 114 -15.28 30.73 3.92
CA LEU B 114 -16.18 29.75 3.31
C LEU B 114 -15.91 29.66 1.82
N VAL B 115 -15.74 28.45 1.30
CA VAL B 115 -15.46 28.25 -0.13
C VAL B 115 -16.46 27.32 -0.76
N GLY B 116 -17.15 27.80 -1.79
CA GLY B 116 -18.10 26.99 -2.54
C GLY B 116 -17.47 26.58 -3.85
N ASN B 117 -17.32 25.27 -4.04
CA ASN B 117 -16.53 24.76 -5.16
C ASN B 117 -17.37 24.06 -6.22
N LYS B 118 -17.11 24.39 -7.49
CA LYS B 118 -17.78 23.78 -8.63
C LYS B 118 -16.90 22.67 -9.18
N CYS B 119 -17.23 21.41 -8.84
CA CYS B 119 -16.34 20.30 -9.16
C CYS B 119 -16.69 19.59 -10.46
N ASP B 120 -17.94 19.68 -10.87
CA ASP B 120 -18.33 19.15 -12.18
C ASP B 120 -19.40 19.99 -12.90
N LEU B 121 -19.88 19.48 -14.03
CA LEU B 121 -20.82 20.24 -14.85
C LEU B 121 -22.26 19.91 -14.50
N ALA B 122 -22.47 19.26 -13.36
CA ALA B 122 -23.83 19.00 -12.87
C ALA B 122 -24.54 20.28 -12.44
N ALA B 123 -25.85 20.17 -12.33
CA ALA B 123 -26.70 21.27 -11.93
C ALA B 123 -26.36 21.71 -10.51
N ARG B 124 -26.11 23.00 -10.37
CA ARG B 124 -25.88 23.61 -9.08
C ARG B 124 -27.11 23.42 -8.17
N THR B 125 -26.90 23.13 -6.89
CA THR B 125 -28.04 23.00 -5.97
C THR B 125 -27.94 23.90 -4.75
N VAL B 126 -26.80 24.55 -4.58
CA VAL B 126 -26.63 25.59 -3.56
C VAL B 126 -26.43 26.91 -4.30
N GLU B 127 -27.42 27.78 -4.28
CA GLU B 127 -27.30 29.04 -4.98
C GLU B 127 -26.37 29.98 -4.22
N SER B 128 -25.64 30.82 -4.94
CA SER B 128 -24.59 31.63 -4.32
C SER B 128 -25.16 32.57 -3.27
N ARG B 129 -26.45 32.87 -3.38
CA ARG B 129 -27.08 33.73 -2.39
C ARG B 129 -27.17 33.05 -1.01
N GLN B 130 -27.58 31.78 -0.96
CA GLN B 130 -27.70 31.10 0.32
C GLN B 130 -26.35 31.02 1.02
N ALA B 131 -25.32 30.76 0.21
CA ALA B 131 -23.95 30.60 0.68
C ALA B 131 -23.39 31.90 1.22
N GLN B 132 -23.70 32.98 0.52
CA GLN B 132 -23.29 34.30 0.96
C GLN B 132 -23.94 34.68 2.29
N ASP B 133 -25.25 34.45 2.39
CA ASP B 133 -26.01 34.77 3.59
C ASP B 133 -25.49 34.00 4.80
N LEU B 134 -25.17 32.73 4.58
CA LEU B 134 -24.61 31.88 5.63
C LEU B 134 -23.27 32.42 6.05
N ALA B 135 -22.49 32.85 5.06
CA ALA B 135 -21.18 33.42 5.31
C ALA B 135 -21.31 34.75 6.05
N ARG B 136 -22.38 35.49 5.74
CA ARG B 136 -22.60 36.78 6.38
C ARG B 136 -22.94 36.59 7.86
N SER B 137 -23.81 35.64 8.14
CA SER B 137 -24.22 35.35 9.50
C SER B 137 -23.07 34.83 10.36
N TYR B 138 -22.08 34.17 9.73
CA TYR B 138 -20.89 33.70 10.44
C TYR B 138 -19.86 34.82 10.59
N GLY B 139 -20.01 35.85 9.76
CA GLY B 139 -19.09 36.97 9.76
C GLY B 139 -17.75 36.64 9.10
N ILE B 140 -17.81 35.92 7.98
CA ILE B 140 -16.62 35.46 7.27
C ILE B 140 -16.78 35.65 5.76
N PRO B 141 -15.66 35.77 5.03
CA PRO B 141 -15.73 35.91 3.56
C PRO B 141 -16.34 34.71 2.87
N TYR B 142 -16.90 34.92 1.69
CA TYR B 142 -17.33 33.82 0.86
C TYR B 142 -16.64 33.88 -0.51
N ILE B 143 -15.93 32.81 -0.88
CA ILE B 143 -15.29 32.74 -2.20
C ILE B 143 -15.83 31.54 -2.97
N GLU B 144 -16.22 31.76 -4.22
CA GLU B 144 -16.70 30.66 -5.04
C GLU B 144 -15.64 30.36 -6.05
N THR B 145 -15.27 29.09 -6.16
CA THR B 145 -14.19 28.67 -7.05
C THR B 145 -14.65 27.55 -7.96
N SER B 146 -14.02 27.46 -9.11
CA SER B 146 -14.12 26.26 -9.95
C SER B 146 -12.70 25.79 -10.14
N ALA B 147 -12.26 24.87 -9.28
CA ALA B 147 -10.85 24.52 -9.23
C ALA B 147 -10.36 23.87 -10.52
N LYS B 148 -11.32 23.26 -11.23
CA LYS B 148 -11.12 22.72 -12.58
C LYS B 148 -10.55 23.73 -13.60
N THR B 149 -10.90 25.01 -13.46
CA THR B 149 -10.46 26.03 -14.41
C THR B 149 -9.57 27.11 -13.79
N ARG B 150 -9.10 26.84 -12.57
CA ARG B 150 -8.23 27.74 -11.82
C ARG B 150 -8.94 29.01 -11.33
N GLN B 151 -10.19 29.18 -11.73
CA GLN B 151 -10.97 30.33 -11.30
C GLN B 151 -11.23 30.38 -9.78
N GLY B 152 -10.67 31.40 -9.15
CA GLY B 152 -11.00 31.70 -7.77
C GLY B 152 -10.14 30.99 -6.75
N VAL B 153 -9.20 30.19 -7.19
CA VAL B 153 -8.39 29.43 -6.25
C VAL B 153 -7.50 30.35 -5.43
N GLU B 154 -6.83 31.27 -6.09
CA GLU B 154 -5.94 32.18 -5.38
C GLU B 154 -6.72 33.12 -4.48
N ASP B 155 -7.84 33.61 -5.00
CA ASP B 155 -8.75 34.46 -4.25
C ASP B 155 -9.12 33.82 -2.88
N ALA B 156 -9.39 32.51 -2.87
CA ALA B 156 -9.71 31.79 -1.61
C ALA B 156 -8.58 31.69 -0.58
N PHE B 157 -7.39 31.30 -1.03
CA PHE B 157 -6.25 31.24 -0.11
C PHE B 157 -5.76 32.63 0.32
N TYR B 158 -5.57 33.53 -0.65
CA TYR B 158 -5.10 34.89 -0.35
C TYR B 158 -6.06 35.63 0.60
N THR B 159 -7.37 35.48 0.38
CA THR B 159 -8.35 36.09 1.26
C THR B 159 -8.16 35.56 2.66
N LEU B 160 -7.93 34.25 2.76
CA LEU B 160 -7.76 33.62 4.06
C LEU B 160 -6.54 34.16 4.80
N VAL B 161 -5.46 34.41 4.07
CA VAL B 161 -4.26 35.00 4.67
C VAL B 161 -4.54 36.42 5.14
N ARG B 162 -5.29 37.18 4.34
CA ARG B 162 -5.73 38.51 4.77
C ARG B 162 -6.47 38.44 6.10
N GLU B 163 -7.33 37.45 6.26
CA GLU B 163 -8.05 37.27 7.51
C GLU B 163 -7.12 37.00 8.68
N ILE B 164 -6.05 36.25 8.45
CA ILE B 164 -5.11 35.89 9.50
C ILE B 164 -4.33 37.13 9.89
N ARG B 165 -4.10 37.99 8.92
CA ARG B 165 -3.35 39.22 9.14
C ARG B 165 -4.17 40.28 9.89
N GLN B 166 -5.49 40.21 9.76
CA GLN B 166 -6.34 41.23 10.31
C GLN B 166 -7.13 40.72 11.51
N HIS B 167 -6.70 39.59 12.05
CA HIS B 167 -7.23 39.10 13.31
C HIS B 167 -6.65 39.96 14.43
N GLN C 1 18.54 -7.95 -37.53
CA GLN C 1 17.51 -7.89 -36.50
C GLN C 1 16.67 -9.16 -36.53
N MET C 2 15.35 -8.97 -36.61
CA MET C 2 14.39 -10.06 -36.71
C MET C 2 13.07 -9.50 -37.22
N ARG C 3 12.51 -10.12 -38.24
CA ARG C 3 11.30 -9.59 -38.87
C ARG C 3 10.02 -9.88 -38.09
N LEU C 4 9.10 -8.91 -38.10
CA LEU C 4 7.83 -9.02 -37.38
C LEU C 4 6.71 -9.30 -38.37
N PRO C 5 5.51 -9.63 -37.87
CA PRO C 5 4.45 -9.87 -38.87
C PRO C 5 3.94 -8.56 -39.46
N SER C 6 2.96 -8.65 -40.36
CA SER C 6 2.42 -7.44 -40.97
C SER C 6 1.50 -6.70 -40.00
N ALA C 7 1.63 -5.37 -39.93
CA ALA C 7 0.75 -4.55 -39.08
C ALA C 7 -0.71 -4.62 -39.53
N ASP C 8 -0.95 -5.36 -40.62
CA ASP C 8 -2.27 -5.52 -41.21
C ASP C 8 -2.89 -6.88 -40.90
N VAL C 9 -2.14 -7.73 -40.22
CA VAL C 9 -2.67 -8.99 -39.73
C VAL C 9 -2.46 -9.10 -38.22
N TYR C 10 -1.56 -8.28 -37.70
CA TYR C 10 -1.21 -8.33 -36.29
C TYR C 10 -0.98 -6.91 -35.75
N ARG C 11 -2.03 -6.34 -35.15
CA ARG C 11 -2.01 -4.96 -34.65
C ARG C 11 -0.82 -4.58 -33.77
N PHE C 12 -0.32 -5.54 -33.02
CA PHE C 12 0.81 -5.32 -32.12
C PHE C 12 2.18 -5.33 -32.82
N ALA C 13 2.19 -5.08 -34.13
CA ALA C 13 3.46 -4.97 -34.85
C ALA C 13 3.69 -3.55 -35.37
N GLU C 14 2.69 -2.68 -35.21
CA GLU C 14 2.83 -1.25 -35.46
C GLU C 14 4.12 -0.72 -34.84
N PRO C 15 4.95 -0.06 -35.66
CA PRO C 15 6.16 0.61 -35.16
C PRO C 15 5.92 1.66 -34.05
N ASP C 16 6.77 1.65 -33.02
CA ASP C 16 6.77 2.69 -31.98
C ASP C 16 6.89 4.08 -32.61
N SER C 17 6.05 5.00 -32.14
CA SER C 17 6.08 6.37 -32.64
C SER C 17 5.60 7.30 -31.52
N GLU C 18 5.92 8.59 -31.60
CA GLU C 18 5.45 9.53 -30.59
C GLU C 18 3.94 9.75 -30.69
N GLU C 19 3.29 9.10 -31.65
CA GLU C 19 1.84 9.16 -31.82
C GLU C 19 1.17 7.94 -31.18
N ASN C 20 1.98 7.03 -30.66
CA ASN C 20 1.45 5.85 -29.99
C ASN C 20 2.18 5.40 -28.69
N ILE C 21 3.36 5.93 -28.44
CA ILE C 21 4.09 5.58 -27.21
C ILE C 21 5.16 6.62 -26.84
N ILE C 22 5.10 7.09 -25.60
CA ILE C 22 6.05 8.08 -25.12
C ILE C 22 6.78 7.55 -23.90
N PHE C 23 8.10 7.70 -23.89
CA PHE C 23 8.89 7.16 -22.80
C PHE C 23 9.28 8.23 -21.83
N GLU C 24 9.40 7.83 -20.57
CA GLU C 24 9.91 8.69 -19.51
C GLU C 24 11.37 8.90 -19.86
N GLU C 25 11.91 10.08 -19.54
CA GLU C 25 13.27 10.46 -19.94
C GLU C 25 14.38 9.57 -19.35
N ASN C 26 14.34 9.35 -18.04
CA ASN C 26 15.29 8.51 -17.32
C ASN C 26 15.09 7.01 -17.59
N MET C 27 16.02 6.18 -17.11
CA MET C 27 15.97 4.73 -17.35
C MET C 27 15.37 3.95 -16.18
N ALA C 31 16.10 -3.30 -15.95
CA ALA C 31 17.00 -2.15 -15.93
C ALA C 31 18.27 -2.44 -16.74
N GLY C 32 18.64 -1.54 -17.65
CA GLY C 32 17.86 -0.34 -17.92
C GLY C 32 16.81 -0.56 -18.99
N ILE C 33 15.65 -1.06 -18.57
CA ILE C 33 14.50 -1.14 -19.46
C ILE C 33 13.84 0.24 -19.52
N PRO C 34 13.10 0.53 -20.60
CA PRO C 34 12.39 1.81 -20.68
C PRO C 34 11.22 1.89 -19.70
N ILE C 35 10.96 3.09 -19.18
CA ILE C 35 9.78 3.34 -18.38
C ILE C 35 8.79 4.07 -19.25
N ILE C 36 7.58 3.53 -19.38
CA ILE C 36 6.60 4.10 -20.29
C ILE C 36 5.79 5.21 -19.64
N LYS C 37 5.75 6.37 -20.28
CA LYS C 37 4.99 7.50 -19.76
C LYS C 37 3.54 7.50 -20.24
N ALA C 38 3.33 7.28 -21.54
CA ALA C 38 1.99 7.22 -22.12
C ALA C 38 1.97 6.30 -23.33
N GLY C 39 0.79 5.88 -23.74
CA GLY C 39 0.67 5.04 -24.92
C GLY C 39 -0.76 4.71 -25.24
N THR C 40 -1.00 4.18 -26.44
CA THR C 40 -2.33 3.68 -26.76
C THR C 40 -2.50 2.35 -26.05
N VAL C 41 -3.75 1.90 -25.93
CA VAL C 41 -4.03 0.65 -25.24
C VAL C 41 -3.30 -0.48 -25.95
N ILE C 42 -3.32 -0.44 -27.28
CA ILE C 42 -2.61 -1.43 -28.09
C ILE C 42 -1.15 -1.46 -27.68
N LYS C 43 -0.50 -0.30 -27.69
CA LYS C 43 0.92 -0.25 -27.33
C LYS C 43 1.20 -0.68 -25.89
N LEU C 44 0.35 -0.25 -24.95
CA LEU C 44 0.46 -0.68 -23.56
C LEU C 44 0.42 -2.21 -23.41
N ILE C 45 -0.50 -2.84 -24.10
CA ILE C 45 -0.62 -4.29 -24.03
C ILE C 45 0.56 -5.00 -24.72
N GLU C 46 1.13 -4.36 -25.73
CA GLU C 46 2.29 -4.92 -26.38
C GLU C 46 3.45 -4.93 -25.39
N ARG C 47 3.62 -3.82 -24.69
CA ARG C 47 4.72 -3.72 -23.74
C ARG C 47 4.48 -4.59 -22.49
N LEU C 48 3.23 -4.73 -22.08
CA LEU C 48 2.86 -5.62 -20.98
C LEU C 48 3.32 -7.06 -21.22
N THR C 49 3.57 -7.39 -22.48
CA THR C 49 3.92 -8.73 -22.88
C THR C 49 5.03 -8.70 -23.92
N TYR C 50 5.87 -7.67 -23.85
CA TYR C 50 6.99 -7.49 -24.77
C TYR C 50 7.84 -8.74 -24.82
N HIS C 51 8.56 -8.94 -25.91
CA HIS C 51 9.30 -10.19 -26.06
C HIS C 51 10.73 -10.09 -25.54
N MET C 52 11.23 -8.86 -25.44
CA MET C 52 12.63 -8.60 -25.18
C MET C 52 13.01 -8.75 -23.71
N TYR C 53 12.16 -8.25 -22.84
CA TYR C 53 12.53 -8.15 -21.43
C TYR C 53 11.39 -8.46 -20.47
N ALA C 54 11.77 -8.82 -19.25
CA ALA C 54 10.81 -9.10 -18.19
C ALA C 54 10.46 -7.81 -17.45
N ASP C 55 9.19 -7.65 -17.08
CA ASP C 55 8.83 -6.63 -16.10
C ASP C 55 7.59 -7.01 -15.29
N PRO C 56 7.76 -7.89 -14.29
CA PRO C 56 6.60 -8.43 -13.55
C PRO C 56 5.94 -7.35 -12.71
N ASN C 57 6.70 -6.29 -12.42
CA ASN C 57 6.11 -5.13 -11.77
C ASN C 57 5.10 -4.42 -12.66
N PHE C 58 5.41 -4.37 -13.96
CA PHE C 58 4.49 -3.83 -14.96
C PHE C 58 3.19 -4.62 -14.99
N VAL C 59 3.29 -5.94 -14.86
CA VAL C 59 2.09 -6.77 -14.82
C VAL C 59 1.16 -6.37 -13.67
N ARG C 60 1.75 -6.05 -12.52
CA ARG C 60 0.96 -5.66 -11.34
C ARG C 60 0.35 -4.28 -11.53
N THR C 61 1.18 -3.30 -11.89
CA THR C 61 0.69 -1.98 -12.19
C THR C 61 -0.49 -2.01 -13.15
N PHE C 62 -0.36 -2.77 -14.24
CA PHE C 62 -1.37 -2.79 -15.30
C PHE C 62 -2.67 -3.44 -14.82
N LEU C 63 -2.57 -4.64 -14.26
CA LEU C 63 -3.76 -5.35 -13.79
C LEU C 63 -4.48 -4.65 -12.63
N THR C 64 -3.74 -3.83 -11.89
CA THR C 64 -4.29 -3.07 -10.77
C THR C 64 -5.08 -1.84 -11.24
N THR C 65 -4.60 -1.19 -12.30
CA THR C 65 -5.11 0.11 -12.67
C THR C 65 -5.77 0.21 -14.05
N TYR C 66 -5.90 -0.89 -14.77
CA TYR C 66 -6.32 -0.78 -16.17
C TYR C 66 -7.77 -0.33 -16.38
N ARG C 67 -8.64 -0.59 -15.43
CA ARG C 67 -10.08 -0.39 -15.61
C ARG C 67 -10.48 1.07 -15.78
N SER C 68 -9.57 1.99 -15.47
CA SER C 68 -9.80 3.43 -15.73
C SER C 68 -9.73 3.79 -17.21
N PHE C 69 -9.19 2.89 -18.03
CA PHE C 69 -8.99 3.18 -19.44
C PHE C 69 -9.37 2.07 -20.43
N CYS C 70 -9.79 0.92 -19.92
CA CYS C 70 -10.09 -0.23 -20.75
C CYS C 70 -10.88 -1.25 -19.95
N LYS C 71 -11.97 -1.75 -20.53
CA LYS C 71 -12.90 -2.62 -19.82
C LYS C 71 -12.35 -4.02 -19.74
N PRO C 72 -12.76 -4.78 -18.73
CA PRO C 72 -12.20 -6.13 -18.61
C PRO C 72 -12.40 -7.02 -19.82
N GLN C 73 -13.59 -7.03 -20.43
CA GLN C 73 -13.79 -7.80 -21.66
C GLN C 73 -12.88 -7.37 -22.81
N GLU C 74 -12.70 -6.05 -22.96
CA GLU C 74 -11.81 -5.50 -23.98
C GLU C 74 -10.37 -5.96 -23.75
N LEU C 75 -9.94 -5.95 -22.48
CA LEU C 75 -8.62 -6.43 -22.11
C LEU C 75 -8.45 -7.87 -22.56
N LEU C 76 -9.38 -8.73 -22.16
CA LEU C 76 -9.29 -10.14 -22.51
C LEU C 76 -9.22 -10.34 -24.02
N SER C 77 -10.02 -9.59 -24.77
CA SER C 77 -10.03 -9.69 -26.23
C SER C 77 -8.66 -9.36 -26.82
N LEU C 78 -8.05 -8.29 -26.33
CA LEU C 78 -6.77 -7.83 -26.83
C LEU C 78 -5.60 -8.75 -26.45
N ILE C 79 -5.65 -9.41 -25.30
CA ILE C 79 -4.56 -10.31 -25.02
C ILE C 79 -4.70 -11.60 -25.84
N ILE C 80 -5.94 -12.02 -26.07
CA ILE C 80 -6.18 -13.21 -26.89
C ILE C 80 -5.68 -12.92 -28.30
N GLU C 81 -6.02 -11.74 -28.79
CA GLU C 81 -5.51 -11.25 -30.06
C GLU C 81 -3.98 -11.27 -30.09
N ARG C 82 -3.35 -10.67 -29.07
CA ARG C 82 -1.90 -10.65 -28.92
C ARG C 82 -1.32 -12.05 -28.94
N PHE C 83 -2.06 -13.01 -28.42
CA PHE C 83 -1.59 -14.38 -28.30
C PHE C 83 -1.54 -15.10 -29.66
N GLU C 84 -2.51 -14.83 -30.55
CA GLU C 84 -2.51 -15.43 -31.88
C GLU C 84 -1.57 -14.68 -32.80
N ILE C 85 -0.28 -14.98 -32.67
CA ILE C 85 0.71 -14.43 -33.57
C ILE C 85 0.80 -15.35 -34.77
N PRO C 86 0.61 -14.78 -35.98
CA PRO C 86 0.77 -15.52 -37.24
C PRO C 86 2.22 -15.96 -37.46
N GLU C 87 2.42 -17.19 -37.94
CA GLU C 87 3.77 -17.65 -38.26
C GLU C 87 4.16 -17.14 -39.63
N PRO C 88 5.46 -16.85 -39.83
CA PRO C 88 5.97 -16.37 -41.13
C PRO C 88 6.01 -17.45 -42.21
N GLU C 89 6.05 -17.02 -43.46
CA GLU C 89 6.14 -17.95 -44.58
C GLU C 89 7.60 -18.38 -44.77
N PRO C 90 7.82 -19.62 -45.19
CA PRO C 90 9.18 -20.14 -45.41
C PRO C 90 10.03 -19.22 -46.27
N THR C 91 11.33 -19.16 -45.99
CA THR C 91 12.23 -18.24 -46.67
C THR C 91 12.67 -18.77 -48.03
N GLU C 92 13.57 -18.05 -48.69
CA GLU C 92 14.08 -18.44 -50.00
C GLU C 92 14.92 -19.73 -49.89
N ALA C 93 15.81 -19.76 -48.90
CA ALA C 93 16.57 -20.95 -48.59
C ALA C 93 15.62 -22.13 -48.41
N ASP C 94 14.56 -21.89 -47.64
CA ASP C 94 13.56 -22.91 -47.33
C ASP C 94 12.81 -23.37 -48.57
N ARG C 95 12.39 -22.42 -49.41
CA ARG C 95 11.69 -22.72 -50.65
C ARG C 95 12.51 -23.65 -51.52
N ILE C 96 13.79 -23.32 -51.67
CA ILE C 96 14.71 -24.10 -52.50
C ILE C 96 14.85 -25.56 -52.05
N ALA C 97 14.97 -25.78 -50.75
CA ALA C 97 15.07 -27.13 -50.22
C ALA C 97 13.78 -27.95 -50.42
N ILE C 98 12.61 -27.31 -50.29
CA ILE C 98 11.35 -28.04 -50.46
C ILE C 98 11.17 -28.51 -51.91
N GLU C 99 11.78 -27.80 -52.86
CA GLU C 99 11.68 -28.21 -54.25
C GLU C 99 12.85 -29.07 -54.73
N ASN C 100 13.63 -29.56 -53.75
CA ASN C 100 14.70 -30.52 -54.00
C ASN C 100 14.41 -31.80 -53.21
N GLY C 101 13.27 -31.82 -52.54
CA GLY C 101 12.85 -32.96 -51.74
C GLY C 101 13.60 -33.10 -50.42
N ASP C 102 14.15 -31.99 -49.94
CA ASP C 102 14.88 -31.99 -48.67
C ASP C 102 14.02 -31.35 -47.60
N GLN C 103 14.40 -31.57 -46.33
CA GLN C 103 13.75 -30.86 -45.24
C GLN C 103 14.40 -29.50 -45.09
N PRO C 104 13.58 -28.45 -45.03
CA PRO C 104 14.06 -27.08 -44.86
C PRO C 104 14.77 -26.93 -43.52
N LEU C 105 15.77 -26.04 -43.47
CA LEU C 105 16.43 -25.75 -42.21
C LEU C 105 15.51 -24.94 -41.29
N SER C 106 14.60 -24.18 -41.91
CA SER C 106 13.64 -23.34 -41.19
C SER C 106 14.28 -22.47 -40.11
N ALA C 107 15.52 -22.05 -40.34
CA ALA C 107 16.30 -21.29 -39.36
C ALA C 107 15.55 -20.07 -38.82
N GLU C 108 15.08 -19.22 -39.72
CA GLU C 108 14.36 -18.01 -39.34
C GLU C 108 13.06 -18.31 -38.59
N LEU C 109 12.24 -19.20 -39.13
CA LEU C 109 11.00 -19.60 -38.48
C LEU C 109 11.27 -20.14 -37.07
N LYS C 110 12.32 -20.94 -36.94
CA LYS C 110 12.66 -21.52 -35.64
C LYS C 110 13.12 -20.45 -34.64
N ARG C 111 13.68 -19.37 -35.17
CA ARG C 111 14.20 -18.29 -34.34
C ARG C 111 13.06 -17.40 -33.86
N PHE C 112 12.19 -17.01 -34.77
CA PHE C 112 11.01 -16.22 -34.45
C PHE C 112 10.09 -16.95 -33.45
N ARG C 113 10.04 -18.29 -33.53
CA ARG C 113 9.27 -19.08 -32.59
C ARG C 113 9.88 -19.03 -31.20
N LYS C 114 11.20 -19.07 -31.15
CA LYS C 114 11.93 -19.16 -29.89
C LYS C 114 12.18 -17.79 -29.26
N GLU C 115 12.28 -16.77 -30.11
CA GLU C 115 12.64 -15.43 -29.63
C GLU C 115 11.53 -14.40 -29.71
N TYR C 116 10.42 -14.71 -30.37
CA TYR C 116 9.26 -13.82 -30.35
C TYR C 116 8.00 -14.51 -29.88
N ILE C 117 7.58 -15.57 -30.58
CA ILE C 117 6.31 -16.22 -30.26
C ILE C 117 6.29 -16.80 -28.85
N GLN C 118 7.31 -17.58 -28.51
CA GLN C 118 7.34 -18.22 -27.19
C GLN C 118 7.34 -17.20 -26.02
N PRO C 119 8.23 -16.21 -26.06
CA PRO C 119 8.14 -15.24 -24.96
C PRO C 119 6.80 -14.52 -24.90
N VAL C 120 6.27 -14.05 -26.02
CA VAL C 120 5.03 -13.29 -26.01
C VAL C 120 3.82 -14.11 -25.55
N GLN C 121 3.72 -15.36 -25.99
CA GLN C 121 2.64 -16.23 -25.52
C GLN C 121 2.79 -16.57 -24.05
N LEU C 122 4.02 -16.75 -23.58
CA LEU C 122 4.25 -17.06 -22.18
C LEU C 122 3.87 -15.90 -21.29
N ARG C 123 4.12 -14.69 -21.76
CA ARG C 123 3.81 -13.50 -21.00
C ARG C 123 2.31 -13.16 -21.03
N VAL C 124 1.61 -13.58 -22.08
CA VAL C 124 0.16 -13.44 -22.12
C VAL C 124 -0.46 -14.37 -21.08
N LEU C 125 0.03 -15.60 -21.03
CA LEU C 125 -0.40 -16.55 -20.02
C LEU C 125 -0.03 -16.05 -18.62
N ASN C 126 1.10 -15.38 -18.50
CA ASN C 126 1.48 -14.77 -17.23
C ASN C 126 0.48 -13.72 -16.77
N VAL C 127 0.06 -12.86 -17.68
CA VAL C 127 -0.96 -11.88 -17.36
C VAL C 127 -2.22 -12.60 -16.94
N CYS C 128 -2.55 -13.68 -17.64
CA CYS C 128 -3.72 -14.49 -17.29
C CYS C 128 -3.64 -15.12 -15.90
N ARG C 129 -2.48 -15.67 -15.54
CA ARG C 129 -2.29 -16.25 -14.22
C ARG C 129 -2.48 -15.19 -13.13
N HIS C 130 -1.80 -14.05 -13.27
CA HIS C 130 -1.89 -13.01 -12.26
C HIS C 130 -3.29 -12.44 -12.18
N TRP C 131 -3.93 -12.24 -13.32
CA TRP C 131 -5.28 -11.69 -13.37
C TRP C 131 -6.23 -12.61 -12.61
N VAL C 132 -5.99 -13.90 -12.69
CA VAL C 132 -6.84 -14.87 -12.01
C VAL C 132 -6.46 -15.04 -10.53
N GLU C 133 -5.17 -15.00 -10.24
CA GLU C 133 -4.65 -15.23 -8.89
C GLU C 133 -4.85 -14.03 -7.95
N HIS C 134 -4.81 -12.82 -8.50
CA HIS C 134 -4.72 -11.63 -7.66
C HIS C 134 -5.72 -10.53 -7.98
N HIS C 135 -6.54 -10.73 -9.00
CA HIS C 135 -7.55 -9.74 -9.39
C HIS C 135 -8.80 -10.45 -9.82
N PHE C 136 -9.12 -11.50 -9.10
CA PHE C 136 -10.22 -12.41 -9.44
C PHE C 136 -11.59 -11.76 -9.44
N TYR C 137 -11.70 -10.60 -8.79
CA TYR C 137 -13.00 -9.96 -8.64
C TYR C 137 -13.64 -9.58 -9.97
N ASP C 138 -12.81 -9.28 -10.98
CA ASP C 138 -13.31 -9.00 -12.33
C ASP C 138 -14.17 -10.17 -12.83
N PHE C 139 -13.83 -11.37 -12.36
CA PHE C 139 -14.48 -12.58 -12.83
C PHE C 139 -15.74 -12.91 -12.04
N GLU C 140 -15.76 -12.57 -10.76
CA GLU C 140 -16.92 -12.78 -9.91
C GLU C 140 -18.07 -11.87 -10.32
N ARG C 141 -17.71 -10.69 -10.82
CA ARG C 141 -18.68 -9.67 -11.16
C ARG C 141 -19.14 -9.76 -12.61
N ASP C 142 -18.57 -10.71 -13.34
CA ASP C 142 -18.86 -10.91 -14.77
C ASP C 142 -18.53 -12.34 -15.15
N ALA C 143 -19.52 -13.21 -15.14
CA ALA C 143 -19.23 -14.62 -15.34
C ALA C 143 -19.00 -14.94 -16.82
N TYR C 144 -19.51 -14.12 -17.72
CA TYR C 144 -19.21 -14.33 -19.13
C TYR C 144 -17.72 -14.17 -19.34
N LEU C 145 -17.11 -13.25 -18.59
CA LEU C 145 -15.67 -13.01 -18.65
C LEU C 145 -14.90 -14.24 -18.19
N LEU C 146 -15.36 -14.86 -17.11
CA LEU C 146 -14.75 -16.10 -16.63
C LEU C 146 -14.92 -17.25 -17.62
N GLN C 147 -16.09 -17.37 -18.26
CA GLN C 147 -16.28 -18.36 -19.32
C GLN C 147 -15.27 -18.17 -20.45
N ARG C 148 -15.21 -16.95 -20.97
CA ARG C 148 -14.26 -16.60 -21.99
C ARG C 148 -12.81 -16.96 -21.61
N MET C 149 -12.42 -16.70 -20.37
CA MET C 149 -11.07 -17.01 -19.95
C MET C 149 -10.87 -18.51 -19.91
N GLU C 150 -11.81 -19.21 -19.27
CA GLU C 150 -11.78 -20.67 -19.20
C GLU C 150 -11.72 -21.31 -20.60
N GLU C 151 -12.50 -20.79 -21.53
CA GLU C 151 -12.46 -21.28 -22.89
C GLU C 151 -11.11 -21.01 -23.49
N PHE C 152 -10.61 -19.79 -23.32
CA PHE C 152 -9.33 -19.41 -23.93
C PHE C 152 -8.20 -20.35 -23.51
N ILE C 153 -8.05 -20.53 -22.20
CA ILE C 153 -7.04 -21.41 -21.65
C ILE C 153 -7.22 -22.83 -22.17
N GLY C 154 -8.47 -23.26 -22.30
CA GLY C 154 -8.80 -24.62 -22.71
C GLY C 154 -8.71 -24.88 -24.20
N THR C 155 -8.44 -23.86 -24.99
CA THR C 155 -8.26 -24.07 -26.40
C THR C 155 -6.80 -23.84 -26.78
N VAL C 156 -5.96 -23.59 -25.79
CA VAL C 156 -4.54 -23.40 -26.07
C VAL C 156 -3.91 -24.75 -26.29
N ARG C 157 -3.55 -25.04 -27.54
CA ARG C 157 -2.85 -26.27 -27.88
C ARG C 157 -1.36 -25.97 -28.02
N GLY C 158 -0.55 -27.01 -28.14
CA GLY C 158 0.88 -26.83 -28.22
C GLY C 158 1.51 -27.38 -26.97
N LYS C 159 2.50 -28.26 -27.13
CA LYS C 159 3.13 -28.86 -25.97
C LYS C 159 3.99 -27.83 -25.24
N ALA C 160 4.41 -26.80 -25.97
CA ALA C 160 5.23 -25.72 -25.41
C ALA C 160 4.53 -25.09 -24.20
N MET C 161 3.24 -24.81 -24.35
CA MET C 161 2.48 -24.16 -23.31
C MET C 161 1.73 -25.16 -22.43
N LYS C 162 2.05 -26.44 -22.56
CA LYS C 162 1.22 -27.46 -21.91
C LYS C 162 1.16 -27.33 -20.39
N LYS C 163 2.30 -27.09 -19.76
CA LYS C 163 2.39 -27.10 -18.29
C LYS C 163 1.65 -25.93 -17.66
N TRP C 164 1.69 -24.78 -18.31
CA TRP C 164 1.08 -23.57 -17.77
C TRP C 164 -0.43 -23.53 -17.95
N VAL C 165 -0.91 -24.07 -19.07
CA VAL C 165 -2.33 -24.20 -19.33
C VAL C 165 -3.01 -25.05 -18.26
N GLU C 166 -2.40 -26.18 -17.92
CA GLU C 166 -2.96 -27.06 -16.89
C GLU C 166 -2.99 -26.36 -15.54
N SER C 167 -1.92 -25.62 -15.25
CA SER C 167 -1.79 -24.92 -13.98
C SER C 167 -2.87 -23.85 -13.81
N ILE C 168 -3.01 -23.00 -14.82
CA ILE C 168 -3.98 -21.91 -14.77
C ILE C 168 -5.41 -22.46 -14.67
N THR C 169 -5.67 -23.57 -15.35
CA THR C 169 -6.98 -24.22 -15.26
C THR C 169 -7.27 -24.62 -13.83
N LYS C 170 -6.28 -25.21 -13.15
CA LYS C 170 -6.43 -25.62 -11.76
C LYS C 170 -6.64 -24.43 -10.83
N ILE C 171 -5.92 -23.35 -11.08
CA ILE C 171 -6.01 -22.16 -10.24
C ILE C 171 -7.39 -21.54 -10.37
N ILE C 172 -7.87 -21.42 -11.61
CA ILE C 172 -9.20 -20.89 -11.86
C ILE C 172 -10.23 -21.70 -11.08
N GLN C 173 -10.07 -23.02 -11.07
CA GLN C 173 -11.00 -23.89 -10.36
C GLN C 173 -10.97 -23.71 -8.83
N ARG C 174 -9.77 -23.51 -8.25
CA ARG C 174 -9.62 -23.23 -6.81
C ARG C 174 -10.35 -21.95 -6.43
N LYS C 175 -10.12 -20.90 -7.20
CA LYS C 175 -10.76 -19.60 -6.95
C LYS C 175 -12.28 -19.63 -7.08
N LYS C 176 -12.80 -20.56 -7.86
CA LYS C 176 -14.25 -20.65 -8.07
C LYS C 176 -14.93 -21.18 -6.81
N ILE C 177 -14.25 -22.09 -6.11
CA ILE C 177 -14.80 -22.77 -4.94
C ILE C 177 -14.30 -22.18 -3.61
N ALA C 178 -13.55 -21.09 -3.71
CA ALA C 178 -12.98 -20.41 -2.54
C ALA C 178 -12.29 -19.12 -2.98
N HIS C 185 -4.60 -21.27 4.68
CA HIS C 185 -3.53 -20.29 4.76
C HIS C 185 -2.77 -20.45 6.08
N ASN C 186 -1.99 -21.53 6.17
CA ASN C 186 -1.13 -21.78 7.34
C ASN C 186 -0.10 -20.65 7.56
N ILE C 187 0.41 -20.56 8.79
CA ILE C 187 1.56 -19.71 9.09
C ILE C 187 2.58 -20.56 9.86
N THR C 188 3.87 -20.30 9.65
CA THR C 188 4.92 -21.08 10.29
C THR C 188 5.85 -20.07 10.91
N PHE C 189 6.10 -20.19 12.21
CA PHE C 189 7.15 -19.39 12.79
C PHE C 189 8.26 -20.29 13.28
N GLN C 190 9.47 -19.76 13.19
CA GLN C 190 10.62 -20.38 13.81
C GLN C 190 10.36 -20.35 15.33
N SER C 191 10.24 -19.13 15.85
CA SER C 191 9.99 -18.87 17.27
C SER C 191 8.57 -19.22 17.75
N SER C 192 8.40 -19.36 19.05
CA SER C 192 7.07 -19.53 19.62
C SER C 192 6.63 -18.20 20.24
N PRO C 193 5.33 -17.86 20.14
CA PRO C 193 4.79 -16.60 20.68
C PRO C 193 4.88 -16.48 22.20
N PRO C 194 4.97 -15.25 22.72
CA PRO C 194 5.05 -15.04 24.17
C PRO C 194 3.79 -15.53 24.86
N THR C 195 3.82 -15.59 26.19
CA THR C 195 2.67 -16.06 26.95
C THR C 195 1.66 -14.93 27.10
N VAL C 196 0.38 -15.27 26.99
CA VAL C 196 -0.66 -14.26 27.10
C VAL C 196 -0.68 -13.78 28.55
N GLU C 197 -0.75 -12.45 28.73
CA GLU C 197 -0.61 -11.84 30.04
C GLU C 197 -1.93 -11.38 30.66
N TRP C 198 -2.11 -11.66 31.95
CA TRP C 198 -3.36 -11.33 32.62
C TRP C 198 -3.17 -10.44 33.83
N HIS C 199 -4.15 -9.57 34.06
CA HIS C 199 -4.09 -8.62 35.14
C HIS C 199 -5.18 -8.99 36.19
N ILE C 200 -6.08 -8.04 36.43
CA ILE C 200 -7.21 -8.20 37.35
C ILE C 200 -8.29 -9.12 36.77
N SER C 201 -8.74 -8.86 35.55
CA SER C 201 -9.71 -9.76 34.93
C SER C 201 -8.99 -11.04 34.64
N ARG C 202 -9.53 -12.14 35.14
CA ARG C 202 -8.92 -13.45 34.91
C ARG C 202 -9.55 -14.13 33.69
N PRO C 203 -8.85 -15.14 33.12
CA PRO C 203 -9.36 -15.77 31.90
C PRO C 203 -10.81 -16.22 32.03
N GLY C 204 -11.59 -16.00 30.98
CA GLY C 204 -12.97 -16.44 30.95
C GLY C 204 -13.94 -15.41 31.49
N HIS C 205 -13.47 -14.54 32.38
CA HIS C 205 -14.33 -13.56 33.04
C HIS C 205 -14.57 -12.29 32.23
N ILE C 206 -15.20 -12.46 31.07
CA ILE C 206 -15.37 -11.38 30.09
C ILE C 206 -16.25 -10.23 30.61
N GLU C 207 -17.01 -10.50 31.66
CA GLU C 207 -17.91 -9.51 32.24
C GLU C 207 -17.11 -8.39 32.91
N THR C 208 -15.91 -8.72 33.36
CA THR C 208 -15.07 -7.79 34.11
C THR C 208 -14.03 -7.05 33.25
N PHE C 209 -13.86 -7.48 31.99
CA PHE C 209 -12.93 -6.84 31.07
C PHE C 209 -13.22 -5.35 30.95
N ASP C 210 -12.18 -4.53 31.07
CA ASP C 210 -12.24 -3.09 30.83
C ASP C 210 -10.81 -2.56 30.68
N LEU C 211 -10.70 -1.28 30.31
CA LEU C 211 -9.43 -0.63 30.05
C LEU C 211 -8.43 -0.86 31.17
N LEU C 212 -8.88 -0.81 32.41
CA LEU C 212 -7.98 -0.93 33.57
C LEU C 212 -7.80 -2.35 34.10
N THR C 213 -8.68 -3.26 33.73
CA THR C 213 -8.66 -4.61 34.32
C THR C 213 -7.99 -5.66 33.44
N LEU C 214 -7.94 -5.42 32.14
CA LEU C 214 -7.13 -6.22 31.24
C LEU C 214 -5.68 -5.76 31.40
N HIS C 215 -4.73 -6.66 31.17
CA HIS C 215 -3.32 -6.29 31.23
C HIS C 215 -3.03 -5.37 30.06
N PRO C 216 -2.36 -4.24 30.32
CA PRO C 216 -2.14 -3.31 29.22
C PRO C 216 -1.27 -3.90 28.12
N ILE C 217 -0.37 -4.83 28.46
CA ILE C 217 0.42 -5.51 27.44
C ILE C 217 -0.50 -6.29 26.52
N GLU C 218 -1.42 -7.05 27.11
CA GLU C 218 -2.28 -7.89 26.30
C GLU C 218 -3.31 -7.07 25.51
N ILE C 219 -3.63 -5.86 26.00
CA ILE C 219 -4.55 -4.99 25.28
C ILE C 219 -3.91 -4.52 23.97
N ALA C 220 -2.64 -4.14 24.07
CA ALA C 220 -1.92 -3.70 22.89
C ALA C 220 -1.75 -4.86 21.91
N ARG C 221 -1.42 -6.04 22.43
CA ARG C 221 -1.20 -7.18 21.54
C ARG C 221 -2.46 -7.60 20.79
N GLN C 222 -3.58 -7.69 21.51
CA GLN C 222 -4.81 -8.16 20.88
C GLN C 222 -5.32 -7.12 19.90
N LEU C 223 -5.23 -5.85 20.27
CA LEU C 223 -5.55 -4.76 19.34
C LEU C 223 -4.61 -4.79 18.13
N THR C 224 -3.36 -5.20 18.33
CA THR C 224 -2.41 -5.24 17.23
C THR C 224 -2.67 -6.41 16.27
N LEU C 225 -3.01 -7.59 16.82
CA LEU C 225 -3.49 -8.69 16.00
C LEU C 225 -4.75 -8.28 15.24
N LEU C 226 -5.69 -7.68 15.97
CA LEU C 226 -6.94 -7.26 15.38
C LEU C 226 -6.71 -6.23 14.26
N GLU C 227 -5.94 -5.19 14.57
CA GLU C 227 -5.71 -4.13 13.61
C GLU C 227 -4.88 -4.59 12.40
N SER C 228 -3.94 -5.51 12.62
CA SER C 228 -3.12 -6.07 11.55
C SER C 228 -3.99 -6.84 10.58
N ASP C 229 -4.83 -7.73 11.11
CA ASP C 229 -5.80 -8.47 10.31
C ASP C 229 -6.67 -7.53 9.44
N LEU C 230 -7.18 -6.48 10.06
CA LEU C 230 -7.96 -5.49 9.33
C LEU C 230 -7.16 -4.83 8.20
N TYR C 231 -5.92 -4.47 8.49
CA TYR C 231 -5.05 -3.87 7.48
C TYR C 231 -4.77 -4.83 6.30
N ARG C 232 -4.53 -6.10 6.63
CA ARG C 232 -4.17 -7.10 5.64
C ARG C 232 -5.33 -7.50 4.71
N ALA C 233 -6.55 -7.12 5.04
CA ALA C 233 -7.72 -7.56 4.31
C ALA C 233 -8.10 -6.61 3.18
N VAL C 234 -7.51 -5.41 3.19
CA VAL C 234 -7.85 -4.35 2.26
C VAL C 234 -7.26 -4.66 0.89
N GLN C 235 -8.13 -4.79 -0.12
CA GLN C 235 -7.73 -5.11 -1.48
C GLN C 235 -7.54 -3.84 -2.27
N PRO C 236 -6.70 -3.87 -3.33
CA PRO C 236 -6.49 -2.66 -4.13
C PRO C 236 -7.74 -2.23 -4.89
N SER C 237 -8.71 -3.13 -5.06
CA SER C 237 -9.97 -2.74 -5.71
C SER C 237 -10.78 -1.77 -4.89
N GLU C 238 -10.48 -1.69 -3.60
CA GLU C 238 -11.20 -0.79 -2.70
C GLU C 238 -10.56 0.57 -2.73
N LEU C 239 -9.48 0.66 -3.50
CA LEU C 239 -8.60 1.82 -3.50
C LEU C 239 -8.55 2.54 -4.85
N VAL C 240 -8.42 1.77 -5.93
CA VAL C 240 -8.32 2.37 -7.26
C VAL C 240 -9.63 3.05 -7.63
N GLY C 241 -9.53 4.21 -8.26
CA GLY C 241 -10.70 4.99 -8.65
C GLY C 241 -11.25 5.89 -7.56
N SER C 242 -10.59 5.88 -6.41
CA SER C 242 -11.00 6.68 -5.25
C SER C 242 -12.38 6.29 -4.79
N VAL C 243 -12.72 5.02 -5.02
CA VAL C 243 -14.08 4.51 -4.80
C VAL C 243 -14.55 4.52 -3.34
N TRP C 244 -13.63 4.70 -2.41
CA TRP C 244 -13.94 4.73 -0.97
C TRP C 244 -14.52 6.08 -0.57
N THR C 245 -14.44 7.06 -1.48
CA THR C 245 -14.95 8.39 -1.24
C THR C 245 -16.25 8.65 -2.01
N LYS C 246 -16.63 7.70 -2.85
CA LYS C 246 -17.79 7.85 -3.72
C LYS C 246 -19.05 7.31 -3.07
N GLU C 247 -20.17 7.45 -3.77
CA GLU C 247 -21.49 7.11 -3.23
C GLU C 247 -21.65 5.67 -2.76
N ASP C 248 -20.95 4.75 -3.43
CA ASP C 248 -21.09 3.32 -3.19
C ASP C 248 -19.89 2.78 -2.43
N LYS C 249 -19.36 3.59 -1.53
CA LYS C 249 -18.17 3.21 -0.78
C LYS C 249 -18.40 1.94 0.05
N GLU C 250 -19.60 1.77 0.60
CA GLU C 250 -19.91 0.59 1.40
C GLU C 250 -19.95 -0.70 0.59
N ILE C 251 -20.11 -0.56 -0.72
CA ILE C 251 -20.16 -1.71 -1.62
C ILE C 251 -18.74 -2.05 -2.05
N ASN C 252 -18.00 -1.04 -2.49
CA ASN C 252 -16.67 -1.23 -3.07
C ASN C 252 -15.51 -1.30 -2.09
N SER C 253 -15.65 -0.65 -0.93
CA SER C 253 -14.55 -0.60 0.05
C SER C 253 -14.94 -1.11 1.44
N PRO C 254 -15.53 -2.30 1.54
CA PRO C 254 -16.01 -2.68 2.86
C PRO C 254 -14.89 -2.97 3.86
N ASN C 255 -13.76 -3.52 3.44
CA ASN C 255 -12.69 -3.84 4.36
C ASN C 255 -11.95 -2.60 4.86
N LEU C 256 -11.69 -1.67 3.93
CA LEU C 256 -11.05 -0.41 4.27
C LEU C 256 -11.91 0.33 5.29
N LEU C 257 -13.22 0.38 5.02
CA LEU C 257 -14.14 1.08 5.90
C LEU C 257 -14.31 0.39 7.26
N LYS C 258 -14.34 -0.94 7.28
N LYS C 258 -14.32 -0.94 7.27
CA LYS C 258 -14.38 -1.70 8.53
CA LYS C 258 -14.37 -1.71 8.52
C LYS C 258 -13.19 -1.32 9.40
C LYS C 258 -13.19 -1.30 9.39
N MET C 259 -12.03 -1.15 8.76
CA MET C 259 -10.80 -0.84 9.46
C MET C 259 -10.73 0.60 9.98
N ILE C 260 -11.16 1.57 9.16
CA ILE C 260 -11.17 2.98 9.57
C ILE C 260 -12.14 3.14 10.73
N ARG C 261 -13.23 2.40 10.62
CA ARG C 261 -14.27 2.40 11.62
C ARG C 261 -13.78 1.82 12.94
N HIS C 262 -12.97 0.76 12.89
CA HIS C 262 -12.40 0.23 14.11
C HIS C 262 -11.52 1.27 14.78
N THR C 263 -10.70 1.95 13.98
CA THR C 263 -9.81 2.98 14.50
C THR C 263 -10.57 4.11 15.22
N THR C 264 -11.66 4.57 14.60
CA THR C 264 -12.48 5.64 15.15
C THR C 264 -13.18 5.23 16.45
N ASN C 265 -13.66 4.00 16.51
CA ASN C 265 -14.27 3.48 17.72
C ASN C 265 -13.27 3.44 18.87
N LEU C 266 -12.07 2.94 18.57
CA LEU C 266 -11.06 2.80 19.61
C LEU C 266 -10.59 4.17 20.09
N THR C 267 -10.49 5.13 19.18
CA THR C 267 -10.14 6.49 19.59
C THR C 267 -11.21 7.09 20.47
N LEU C 268 -12.47 6.98 20.06
CA LEU C 268 -13.59 7.49 20.84
C LEU C 268 -13.75 6.75 22.16
N TRP C 269 -13.40 5.46 22.18
CA TRP C 269 -13.41 4.72 23.43
C TRP C 269 -12.34 5.22 24.42
N PHE C 270 -11.14 5.49 23.92
CA PHE C 270 -10.10 6.10 24.75
C PHE C 270 -10.60 7.41 25.34
N GLU C 271 -11.18 8.28 24.51
CA GLU C 271 -11.77 9.54 24.98
C GLU C 271 -12.82 9.34 26.07
N LYS C 272 -13.79 8.49 25.79
CA LYS C 272 -14.86 8.19 26.72
C LYS C 272 -14.32 7.70 28.07
N CYS C 273 -13.42 6.73 28.04
CA CYS C 273 -12.80 6.24 29.28
C CYS C 273 -12.19 7.36 30.13
N ILE C 274 -11.56 8.31 29.46
CA ILE C 274 -10.92 9.42 30.15
C ILE C 274 -11.93 10.39 30.77
N VAL C 275 -12.83 10.96 29.95
CA VAL C 275 -13.72 12.03 30.41
C VAL C 275 -14.86 11.54 31.27
N GLU C 276 -15.10 10.23 31.29
CA GLU C 276 -16.13 9.65 32.14
C GLU C 276 -15.58 9.18 33.49
N THR C 277 -14.27 9.32 33.67
CA THR C 277 -13.65 9.14 34.97
C THR C 277 -13.51 10.52 35.57
N GLU C 278 -14.47 10.86 36.43
CA GLU C 278 -14.63 12.21 36.92
C GLU C 278 -13.64 12.56 38.03
N ASN C 279 -13.34 11.61 38.91
CA ASN C 279 -12.28 11.77 39.91
C ASN C 279 -10.90 11.98 39.26
N LEU C 280 -10.25 13.11 39.56
CA LEU C 280 -8.94 13.46 38.97
C LEU C 280 -7.86 12.40 39.10
N GLU C 281 -7.70 11.83 40.30
CA GLU C 281 -6.67 10.83 40.54
C GLU C 281 -6.91 9.57 39.70
N GLU C 282 -8.16 9.11 39.67
CA GLU C 282 -8.52 7.96 38.85
C GLU C 282 -8.31 8.29 37.35
N ARG C 283 -8.71 9.48 36.93
CA ARG C 283 -8.56 9.84 35.53
C ARG C 283 -7.09 9.86 35.14
N VAL C 284 -6.24 10.32 36.06
CA VAL C 284 -4.80 10.28 35.86
C VAL C 284 -4.30 8.84 35.66
N ALA C 285 -4.78 7.89 36.46
CA ALA C 285 -4.44 6.49 36.25
C ALA C 285 -4.87 6.02 34.86
N VAL C 286 -6.05 6.44 34.45
CA VAL C 286 -6.63 6.06 33.17
C VAL C 286 -5.80 6.60 31.99
N VAL C 287 -5.54 7.91 31.97
CA VAL C 287 -4.68 8.50 30.95
C VAL C 287 -3.32 7.82 30.91
N SER C 288 -2.74 7.63 32.09
CA SER C 288 -1.46 6.95 32.23
C SER C 288 -1.45 5.56 31.57
N ARG C 289 -2.47 4.76 31.85
CA ARG C 289 -2.55 3.39 31.34
C ARG C 289 -2.61 3.45 29.83
N ILE C 290 -3.32 4.44 29.31
CA ILE C 290 -3.48 4.58 27.85
C ILE C 290 -2.16 4.90 27.18
N ILE C 291 -1.36 5.73 27.83
CA ILE C 291 -0.03 6.02 27.33
C ILE C 291 0.86 4.78 27.45
N GLU C 292 0.59 3.95 28.44
CA GLU C 292 1.30 2.68 28.54
C GLU C 292 0.99 1.80 27.32
N ILE C 293 -0.30 1.68 26.99
CA ILE C 293 -0.72 0.96 25.80
C ILE C 293 -0.07 1.54 24.54
N LEU C 294 0.10 2.86 24.50
CA LEU C 294 0.76 3.52 23.37
C LEU C 294 2.19 3.01 23.19
N GLN C 295 2.87 2.81 24.32
CA GLN C 295 4.25 2.35 24.37
C GLN C 295 4.40 0.94 23.81
N VAL C 296 3.48 0.05 24.17
CA VAL C 296 3.51 -1.31 23.66
C VAL C 296 3.17 -1.32 22.17
N PHE C 297 2.35 -0.36 21.75
CA PHE C 297 2.02 -0.21 20.35
C PHE C 297 3.29 0.12 19.57
N GLN C 298 4.05 1.10 20.08
CA GLN C 298 5.32 1.49 19.48
C GLN C 298 6.27 0.28 19.39
N GLU C 299 6.35 -0.53 20.45
CA GLU C 299 7.21 -1.72 20.46
C GLU C 299 6.82 -2.67 19.32
N LEU C 300 5.51 -2.84 19.11
CA LEU C 300 4.99 -3.78 18.12
C LEU C 300 4.94 -3.21 16.70
N ASN C 301 5.38 -1.98 16.51
CA ASN C 301 5.29 -1.29 15.24
C ASN C 301 3.86 -1.17 14.75
N ASN C 302 2.93 -1.06 15.71
CA ASN C 302 1.54 -0.83 15.37
C ASN C 302 1.28 0.66 15.26
N PHE C 303 1.54 1.21 14.07
CA PHE C 303 1.49 2.65 13.88
C PHE C 303 0.05 3.14 13.82
N ASN C 304 -0.86 2.25 13.43
CA ASN C 304 -2.26 2.62 13.42
C ASN C 304 -2.73 2.83 14.86
N GLY C 305 -2.29 1.92 15.72
CA GLY C 305 -2.57 1.96 17.14
C GLY C 305 -1.97 3.16 17.84
N VAL C 306 -0.73 3.51 17.49
CA VAL C 306 -0.10 4.71 18.00
C VAL C 306 -0.97 5.92 17.68
N LEU C 307 -1.37 6.04 16.43
CA LEU C 307 -2.16 7.20 16.05
C LEU C 307 -3.54 7.23 16.70
N GLU C 308 -4.11 6.06 16.94
CA GLU C 308 -5.36 5.99 17.67
C GLU C 308 -5.22 6.72 19.00
N VAL C 309 -4.14 6.44 19.73
CA VAL C 309 -3.92 7.06 21.04
C VAL C 309 -3.63 8.55 20.87
N VAL C 310 -2.76 8.88 19.92
CA VAL C 310 -2.38 10.27 19.72
C VAL C 310 -3.57 11.13 19.33
N SER C 311 -4.47 10.57 18.52
CA SER C 311 -5.68 11.30 18.14
C SER C 311 -6.60 11.52 19.33
N ALA C 312 -6.65 10.52 20.22
CA ALA C 312 -7.47 10.61 21.41
C ALA C 312 -6.96 11.73 22.29
N MET C 313 -5.64 11.76 22.50
CA MET C 313 -5.01 12.78 23.34
C MET C 313 -5.17 14.17 22.73
N ASN C 314 -5.13 14.25 21.40
CA ASN C 314 -5.26 15.52 20.67
C ASN C 314 -6.70 15.99 20.52
N SER C 315 -7.66 15.15 20.88
CA SER C 315 -9.08 15.49 20.76
C SER C 315 -9.49 16.65 21.67
N SER C 316 -10.53 17.37 21.25
CA SER C 316 -11.03 18.53 21.99
C SER C 316 -11.35 18.30 23.47
N PRO C 317 -12.06 17.21 23.79
CA PRO C 317 -12.36 17.06 25.20
C PRO C 317 -11.19 16.56 26.05
N VAL C 318 -10.17 15.97 25.42
CA VAL C 318 -9.04 15.43 26.19
C VAL C 318 -7.86 16.41 26.26
N TYR C 319 -7.63 17.16 25.20
CA TYR C 319 -6.47 18.05 25.14
C TYR C 319 -6.47 19.11 26.23
N ARG C 320 -7.66 19.50 26.67
CA ARG C 320 -7.82 20.65 27.54
C ARG C 320 -7.69 20.32 29.03
N LEU C 321 -7.59 19.02 29.35
CA LEU C 321 -7.56 18.57 30.73
C LEU C 321 -6.21 18.80 31.44
N ASP C 322 -5.78 20.06 31.47
CA ASP C 322 -4.49 20.46 32.06
C ASP C 322 -4.15 19.92 33.44
N HIS C 323 -5.14 19.75 34.32
CA HIS C 323 -4.90 19.19 35.66
C HIS C 323 -4.54 17.72 35.62
N THR C 324 -5.02 17.03 34.59
CA THR C 324 -4.75 15.61 34.46
C THR C 324 -3.34 15.39 33.94
N PHE C 325 -2.93 16.17 32.96
CA PHE C 325 -1.61 16.01 32.39
C PHE C 325 -0.48 16.65 33.22
N GLU C 326 -0.81 17.60 34.10
CA GLU C 326 0.19 18.09 35.07
C GLU C 326 0.72 16.92 35.90
N GLN C 327 -0.10 15.89 36.08
CA GLN C 327 0.21 14.80 37.02
C GLN C 327 0.70 13.49 36.40
N ILE C 328 0.89 13.51 35.09
CA ILE C 328 1.44 12.37 34.37
C ILE C 328 2.94 12.35 34.67
N PRO C 329 3.49 11.16 34.95
CA PRO C 329 4.93 11.01 35.18
C PRO C 329 5.73 11.63 34.06
N SER C 330 6.92 12.14 34.36
CA SER C 330 7.71 12.84 33.36
C SER C 330 8.01 11.94 32.15
N ARG C 331 8.34 10.68 32.42
CA ARG C 331 8.67 9.74 31.36
C ARG C 331 7.56 9.60 30.35
N GLN C 332 6.32 9.76 30.79
CA GLN C 332 5.16 9.54 29.95
C GLN C 332 4.82 10.77 29.13
N LYS C 333 5.15 11.96 29.62
CA LYS C 333 4.98 13.17 28.83
C LYS C 333 5.88 13.00 27.63
N LYS C 334 7.06 12.46 27.87
CA LYS C 334 8.09 12.31 26.86
C LYS C 334 7.61 11.37 25.75
N ILE C 335 6.98 10.26 26.16
CA ILE C 335 6.41 9.29 25.24
C ILE C 335 5.27 9.85 24.37
N LEU C 336 4.32 10.54 25.01
CA LEU C 336 3.23 11.16 24.27
C LEU C 336 3.76 12.23 23.31
N GLU C 337 4.82 12.92 23.70
CA GLU C 337 5.39 13.93 22.82
C GLU C 337 6.08 13.30 21.61
N GLU C 338 6.87 12.25 21.83
CA GLU C 338 7.57 11.57 20.73
C GLU C 338 6.51 11.11 19.74
N ALA C 339 5.45 10.52 20.28
CA ALA C 339 4.41 9.92 19.46
C ALA C 339 3.63 10.97 18.65
N HIS C 340 3.28 12.07 19.29
CA HIS C 340 2.59 13.15 18.61
C HIS C 340 3.45 13.68 17.47
N GLU C 341 4.77 13.70 17.69
CA GLU C 341 5.69 14.34 16.76
C GLU C 341 5.83 13.52 15.49
N LEU C 342 5.39 12.28 15.52
CA LEU C 342 5.35 11.46 14.32
C LEU C 342 4.46 12.12 13.25
N SER C 343 3.43 12.84 13.70
CA SER C 343 2.46 13.41 12.79
C SER C 343 2.78 14.85 12.34
N GLU C 344 3.69 15.54 13.03
CA GLU C 344 4.04 16.90 12.65
C GLU C 344 4.70 16.94 11.27
N ASP C 345 4.68 18.11 10.63
CA ASP C 345 5.18 18.31 9.27
C ASP C 345 4.68 17.26 8.30
N HIS C 346 3.38 17.05 8.27
CA HIS C 346 2.77 16.15 7.31
C HIS C 346 3.30 14.73 7.44
N TYR C 347 3.47 14.30 8.68
CA TYR C 347 3.83 12.92 8.99
C TYR C 347 5.26 12.58 8.58
N LYS C 348 6.13 13.58 8.59
CA LYS C 348 7.52 13.41 8.19
C LYS C 348 8.23 12.35 9.02
N LYS C 349 8.26 12.52 10.33
CA LYS C 349 8.95 11.54 11.18
C LYS C 349 8.34 10.14 11.11
N TYR C 350 7.01 10.07 10.96
CA TYR C 350 6.32 8.79 10.86
C TYR C 350 6.81 8.02 9.63
N LEU C 351 6.67 8.65 8.47
CA LEU C 351 7.16 8.11 7.22
C LEU C 351 8.61 7.63 7.30
N ALA C 352 9.45 8.38 8.02
CA ALA C 352 10.84 8.00 8.24
C ALA C 352 10.92 6.74 9.07
N LYS C 353 10.20 6.71 10.19
CA LYS C 353 10.15 5.55 11.07
C LYS C 353 9.64 4.31 10.33
N LEU C 354 8.52 4.45 9.62
CA LEU C 354 7.93 3.34 8.87
C LEU C 354 8.93 2.70 7.93
N ARG C 355 9.63 3.54 7.17
CA ARG C 355 10.52 3.07 6.12
C ARG C 355 11.86 2.66 6.73
N SER C 356 11.84 2.39 8.03
CA SER C 356 13.08 2.12 8.74
C SER C 356 12.98 0.98 9.74
N ILE C 357 11.77 0.57 10.07
CA ILE C 357 11.59 -0.52 11.01
C ILE C 357 11.72 -1.91 10.37
N ASN C 358 11.72 -2.92 11.23
CA ASN C 358 11.75 -4.27 10.78
C ASN C 358 10.36 -4.85 11.04
N PRO C 359 9.60 -5.11 9.95
CA PRO C 359 8.22 -5.60 10.04
C PRO C 359 8.18 -6.95 10.75
N PRO C 360 6.99 -7.44 11.13
CA PRO C 360 5.62 -6.94 10.93
C PRO C 360 5.35 -5.55 11.50
N CYS C 361 4.44 -4.85 10.83
CA CYS C 361 3.95 -3.57 11.30
C CYS C 361 2.51 -3.36 10.82
N VAL C 362 1.82 -2.39 11.41
CA VAL C 362 0.50 -1.97 10.94
C VAL C 362 0.60 -0.51 10.59
N PRO C 363 0.73 -0.19 9.30
CA PRO C 363 0.84 1.22 8.89
C PRO C 363 -0.40 2.03 9.24
N PHE C 364 -0.28 3.34 9.13
CA PHE C 364 -1.44 4.20 9.23
C PHE C 364 -2.02 4.42 7.84
N PHE C 365 -3.21 3.89 7.61
CA PHE C 365 -3.75 3.85 6.25
C PHE C 365 -4.12 5.21 5.66
N GLY C 366 -4.20 6.24 6.50
CA GLY C 366 -4.70 7.52 6.06
C GLY C 366 -3.82 8.24 5.06
N ILE C 367 -2.50 8.17 5.27
CA ILE C 367 -1.50 8.76 4.37
C ILE C 367 -1.73 8.25 2.96
N TYR C 368 -1.94 6.95 2.86
CA TYR C 368 -2.15 6.29 1.59
C TYR C 368 -3.40 6.79 0.86
N LEU C 369 -4.50 6.96 1.60
CA LEU C 369 -5.75 7.36 0.97
C LEU C 369 -5.62 8.75 0.39
N THR C 370 -4.95 9.63 1.12
CA THR C 370 -4.77 11.02 0.69
C THR C 370 -3.89 11.11 -0.58
N ASN C 371 -2.86 10.28 -0.65
CA ASN C 371 -1.96 10.28 -1.79
C ASN C 371 -2.56 9.70 -3.05
N ILE C 372 -3.23 8.56 -2.90
CA ILE C 372 -3.95 7.97 -4.03
C ILE C 372 -4.95 8.96 -4.59
N LEU C 373 -5.78 9.54 -3.72
CA LEU C 373 -6.81 10.49 -4.14
C LEU C 373 -6.22 11.69 -4.89
N LYS C 374 -5.26 12.35 -4.28
CA LYS C 374 -4.63 13.49 -4.94
C LYS C 374 -3.92 13.09 -6.23
N THR C 375 -3.35 11.89 -6.26
CA THR C 375 -2.74 11.41 -7.48
C THR C 375 -3.79 11.28 -8.58
N GLU C 376 -4.93 10.65 -8.26
CA GLU C 376 -5.97 10.47 -9.27
C GLU C 376 -6.52 11.83 -9.74
N GLU C 377 -6.47 12.83 -8.86
CA GLU C 377 -7.15 14.09 -9.06
C GLU C 377 -6.25 15.19 -9.63
N GLY C 378 -4.94 15.01 -9.53
CA GLY C 378 -3.99 16.04 -9.92
C GLY C 378 -3.18 15.73 -11.16
N ASN C 379 -3.51 14.61 -11.81
CA ASN C 379 -2.93 14.21 -13.08
C ASN C 379 -4.04 13.86 -14.08
N PRO C 380 -3.81 14.17 -15.36
CA PRO C 380 -4.80 13.95 -16.43
C PRO C 380 -4.94 12.48 -16.84
N GLU C 381 -6.17 12.06 -17.15
CA GLU C 381 -6.39 10.71 -17.66
C GLU C 381 -5.59 10.45 -18.94
N VAL C 382 -5.57 11.43 -19.84
CA VAL C 382 -4.90 11.28 -21.12
C VAL C 382 -3.89 12.40 -21.44
N LEU C 383 -2.90 12.08 -22.27
CA LEU C 383 -1.99 13.07 -22.80
C LEU C 383 -2.25 13.26 -24.30
N LYS C 384 -2.39 14.50 -24.75
CA LYS C 384 -2.63 14.75 -26.16
C LYS C 384 -1.30 15.06 -26.81
N ARG C 385 -0.95 14.27 -27.82
CA ARG C 385 0.23 14.52 -28.62
C ARG C 385 -0.16 14.35 -30.07
N HIS C 386 0.05 15.41 -30.86
CA HIS C 386 -0.23 15.41 -32.30
C HIS C 386 -1.69 15.02 -32.61
N GLY C 387 -2.65 15.57 -31.84
CA GLY C 387 -4.04 15.28 -32.09
C GLY C 387 -4.53 13.95 -31.53
N LYS C 388 -3.59 13.03 -31.30
CA LYS C 388 -3.87 11.74 -30.67
C LYS C 388 -4.04 11.80 -29.13
N GLU C 389 -4.79 10.84 -28.58
CA GLU C 389 -4.98 10.72 -27.14
C GLU C 389 -4.27 9.47 -26.59
N LEU C 390 -3.25 9.68 -25.79
CA LEU C 390 -2.53 8.55 -25.19
C LEU C 390 -3.01 8.33 -23.76
N ILE C 391 -3.11 7.06 -23.34
CA ILE C 391 -3.39 6.77 -21.94
C ILE C 391 -2.20 7.28 -21.12
N ASN C 392 -2.49 8.05 -20.09
CA ASN C 392 -1.45 8.59 -19.20
C ASN C 392 -1.07 7.54 -18.16
N PHE C 393 0.01 6.84 -18.41
CA PHE C 393 0.32 5.63 -17.65
C PHE C 393 1.16 5.95 -16.43
N SER C 394 1.89 7.06 -16.47
CA SER C 394 2.70 7.46 -15.33
C SER C 394 1.79 7.73 -14.13
N LYS C 395 0.63 8.30 -14.40
CA LYS C 395 -0.38 8.48 -13.37
C LYS C 395 -0.73 7.15 -12.75
N ARG C 396 -0.86 6.12 -13.58
CA ARG C 396 -1.26 4.81 -13.11
C ARG C 396 -0.13 4.11 -12.34
N ARG C 397 1.10 4.30 -12.78
CA ARG C 397 2.25 3.73 -12.07
C ARG C 397 2.39 4.33 -10.66
N LYS C 398 2.10 5.62 -10.53
CA LYS C 398 2.11 6.32 -9.23
C LYS C 398 1.08 5.74 -8.26
N VAL C 399 -0.12 5.45 -8.74
CA VAL C 399 -1.12 4.85 -7.88
C VAL C 399 -0.68 3.45 -7.47
N ALA C 400 -0.06 2.73 -8.41
CA ALA C 400 0.38 1.36 -8.15
C ALA C 400 1.55 1.29 -7.16
N GLU C 401 2.42 2.30 -7.16
CA GLU C 401 3.48 2.33 -6.17
C GLU C 401 2.89 2.46 -4.78
N ILE C 402 1.77 3.15 -4.68
CA ILE C 402 1.09 3.27 -3.41
C ILE C 402 0.44 1.94 -3.02
N THR C 403 -0.39 1.38 -3.90
CA THR C 403 -0.99 0.07 -3.61
C THR C 403 0.08 -1.01 -3.39
N GLY C 404 1.25 -0.84 -3.99
CA GLY C 404 2.39 -1.72 -3.79
C GLY C 404 2.98 -1.63 -2.39
N GLU C 405 3.27 -0.41 -1.93
CA GLU C 405 3.71 -0.15 -0.56
C GLU C 405 2.80 -0.90 0.39
N ILE C 406 1.50 -0.60 0.30
CA ILE C 406 0.47 -1.28 1.08
C ILE C 406 0.61 -2.79 1.02
N GLN C 407 0.55 -3.36 -0.18
CA GLN C 407 0.63 -4.81 -0.31
C GLN C 407 1.87 -5.38 0.34
N GLN C 408 2.97 -4.63 0.24
CA GLN C 408 4.23 -5.07 0.80
C GLN C 408 4.17 -5.23 2.33
N TYR C 409 3.59 -4.26 3.03
CA TYR C 409 3.45 -4.34 4.51
C TYR C 409 2.39 -5.34 4.93
N GLN C 410 1.67 -5.89 3.95
CA GLN C 410 0.57 -6.82 4.24
C GLN C 410 1.04 -8.27 4.36
N ASN C 411 2.29 -8.54 4.01
CA ASN C 411 2.77 -9.90 3.96
C ASN C 411 3.13 -10.50 5.31
N GLN C 412 3.93 -9.76 6.08
CA GLN C 412 4.55 -10.25 7.31
C GLN C 412 3.50 -10.34 8.41
N PRO C 413 3.27 -11.54 8.96
CA PRO C 413 2.30 -11.73 10.04
C PRO C 413 2.91 -11.55 11.44
N TYR C 414 2.09 -11.27 12.44
CA TYR C 414 2.56 -11.09 13.82
C TYR C 414 2.71 -12.41 14.57
N CYS C 415 3.84 -12.60 15.22
CA CYS C 415 4.01 -13.77 16.07
C CYS C 415 3.42 -13.52 17.47
N LEU C 416 2.10 -13.55 17.57
CA LEU C 416 1.38 -13.32 18.83
C LEU C 416 0.14 -14.23 18.93
N ARG C 417 -0.16 -14.70 20.13
CA ARG C 417 -1.30 -15.59 20.37
C ARG C 417 -2.59 -14.79 20.43
N VAL C 418 -3.60 -15.22 19.69
CA VAL C 418 -4.93 -14.65 19.88
C VAL C 418 -5.53 -15.14 21.18
N GLU C 419 -6.12 -14.24 21.96
CA GLU C 419 -6.96 -14.63 23.07
C GLU C 419 -8.39 -14.26 22.67
N SER C 420 -9.17 -15.30 22.35
CA SER C 420 -10.49 -15.16 21.74
C SER C 420 -11.45 -14.19 22.47
N ASP C 421 -11.47 -14.25 23.80
CA ASP C 421 -12.36 -13.38 24.58
C ASP C 421 -11.94 -11.92 24.53
N ILE C 422 -10.65 -11.64 24.64
CA ILE C 422 -10.20 -10.26 24.50
C ILE C 422 -10.45 -9.79 23.07
N LYS C 423 -10.17 -10.65 22.10
CA LYS C 423 -10.48 -10.38 20.69
C LYS C 423 -11.96 -10.01 20.49
N ARG C 424 -12.88 -10.80 21.05
CA ARG C 424 -14.32 -10.55 20.93
C ARG C 424 -14.63 -9.22 21.57
N PHE C 425 -14.16 -9.03 22.80
CA PHE C 425 -14.33 -7.77 23.53
C PHE C 425 -14.03 -6.53 22.68
N PHE C 426 -12.92 -6.56 21.93
CA PHE C 426 -12.56 -5.37 21.17
C PHE C 426 -13.30 -5.26 19.85
N GLU C 427 -13.68 -6.41 19.29
CA GLU C 427 -14.46 -6.44 18.04
C GLU C 427 -15.87 -5.89 18.25
N ASN C 428 -16.34 -6.01 19.48
CA ASN C 428 -17.70 -5.58 19.81
C ASN C 428 -17.75 -4.22 20.47
N LEU C 429 -16.60 -3.60 20.69
CA LEU C 429 -16.51 -2.30 21.35
C LEU C 429 -17.42 -1.31 20.64
N ASN C 430 -18.30 -0.67 21.40
CA ASN C 430 -19.21 0.32 20.82
C ASN C 430 -19.43 1.53 21.74
N PRO C 431 -18.48 2.49 21.73
CA PRO C 431 -18.53 3.60 22.68
C PRO C 431 -19.73 4.49 22.48
N MET C 432 -20.18 4.64 21.23
CA MET C 432 -21.25 5.59 20.91
C MET C 432 -22.62 5.04 21.23
N GLY C 433 -22.73 3.75 21.49
CA GLY C 433 -24.04 3.15 21.72
C GLY C 433 -25.04 3.42 20.61
N ASN C 434 -26.21 3.94 21.00
CA ASN C 434 -27.27 4.29 20.05
C ASN C 434 -27.24 5.75 19.63
N SER C 435 -26.23 6.47 20.10
CA SER C 435 -26.12 7.90 19.87
C SER C 435 -25.52 8.21 18.51
N MET C 436 -25.94 9.31 17.90
CA MET C 436 -25.32 9.75 16.67
C MET C 436 -24.01 10.43 16.99
N GLU C 437 -23.11 10.49 16.02
CA GLU C 437 -21.77 11.07 16.21
C GLU C 437 -21.75 12.52 16.75
N LYS C 438 -22.66 13.38 16.31
CA LYS C 438 -22.69 14.73 16.86
C LYS C 438 -23.06 14.72 18.35
N GLU C 439 -24.19 14.12 18.69
CA GLU C 439 -24.66 14.13 20.08
C GLU C 439 -23.70 13.39 21.02
N PHE C 440 -22.98 12.39 20.52
CA PHE C 440 -22.00 11.70 21.37
C PHE C 440 -20.74 12.53 21.55
N THR C 441 -20.27 13.10 20.46
CA THR C 441 -19.18 14.06 20.47
C THR C 441 -19.45 15.30 21.36
N ASP C 442 -20.69 15.76 21.38
CA ASP C 442 -21.07 16.90 22.22
C ASP C 442 -21.03 16.51 23.68
N TYR C 443 -21.59 15.34 23.97
CA TYR C 443 -21.55 14.75 25.30
C TYR C 443 -20.13 14.67 25.86
N LEU C 444 -19.21 14.13 25.08
CA LEU C 444 -17.84 13.97 25.53
C LEU C 444 -17.26 15.33 25.88
N PHE C 445 -17.51 16.32 25.03
CA PHE C 445 -16.95 17.64 25.30
C PHE C 445 -17.58 18.29 26.53
N ASN C 446 -18.87 18.04 26.74
CA ASN C 446 -19.52 18.58 27.92
C ASN C 446 -18.94 17.92 29.18
N LYS C 447 -18.83 16.60 29.17
CA LYS C 447 -18.24 15.88 30.29
C LYS C 447 -16.88 16.44 30.62
N SER C 448 -16.11 16.78 29.60
CA SER C 448 -14.81 17.43 29.78
C SER C 448 -14.93 18.78 30.49
N LEU C 449 -15.93 19.57 30.14
CA LEU C 449 -16.20 20.84 30.80
C LEU C 449 -16.61 20.61 32.27
N GLU C 450 -17.44 19.59 32.48
CA GLU C 450 -17.89 19.25 33.83
C GLU C 450 -16.72 18.94 34.74
N ILE C 451 -15.79 18.10 34.25
CA ILE C 451 -14.73 17.57 35.12
C ILE C 451 -13.55 18.51 35.33
N GLU C 452 -13.33 19.42 34.39
CA GLU C 452 -12.35 20.49 34.54
C GLU C 452 -12.85 21.75 33.83
N PRO C 453 -13.66 22.57 34.52
CA PRO C 453 -14.29 23.74 33.92
C PRO C 453 -13.29 24.75 33.39
N ARG C 454 -13.77 25.69 32.57
CA ARG C 454 -12.89 26.72 32.02
C ARG C 454 -12.46 27.66 33.15
N ASN C 455 -11.27 28.24 33.00
CA ASN C 455 -10.92 29.37 33.84
C ASN C 455 -11.97 30.47 33.65
N PRO C 456 -12.38 31.12 34.74
CA PRO C 456 -11.75 30.99 36.05
C PRO C 456 -12.56 30.16 37.06
N LYS C 457 -13.48 29.32 36.61
CA LYS C 457 -14.22 28.46 37.54
C LYS C 457 -13.23 27.49 38.21
N PRO C 458 -13.34 27.35 39.55
CA PRO C 458 -12.43 26.49 40.33
C PRO C 458 -12.73 25.03 40.07
N LEU C 459 -11.73 24.18 40.33
CA LEU C 459 -11.83 22.78 39.98
C LEU C 459 -12.56 21.98 41.05
N PRO C 460 -13.72 21.43 40.69
CA PRO C 460 -14.54 20.62 41.60
C PRO C 460 -13.86 19.33 41.99
N ARG C 461 -14.39 18.63 42.98
CA ARG C 461 -13.96 17.27 43.33
C ARG C 461 -15.08 16.29 43.03
N PHE C 462 -14.71 15.09 42.61
CA PHE C 462 -15.69 14.05 42.29
C PHE C 462 -15.33 12.74 43.03
N PRO C 463 -16.33 11.91 43.33
CA PRO C 463 -16.04 10.62 43.98
C PRO C 463 -15.42 9.59 43.04
N LYS C 464 -14.64 8.71 43.64
CA LYS C 464 -13.98 7.62 42.94
C LYS C 464 -15.03 6.65 42.37
N LYS C 465 -14.65 5.89 41.34
CA LYS C 465 -15.60 4.94 40.76
C LYS C 465 -15.05 3.52 40.58
N TYR C 466 -13.76 3.32 40.82
CA TYR C 466 -13.20 1.99 40.62
C TYR C 466 -12.91 1.26 41.92
N SER C 467 -13.58 0.12 42.10
CA SER C 467 -13.46 -0.68 43.31
C SER C 467 -12.13 -1.43 43.42
N TYR C 468 -11.47 -1.67 42.30
CA TYR C 468 -10.25 -2.46 42.23
C TYR C 468 -8.98 -1.58 42.28
N PRO C 469 -7.78 -2.19 42.37
CA PRO C 469 -6.57 -1.37 42.38
C PRO C 469 -6.27 -0.63 41.07
N LEU C 470 -5.85 0.62 41.17
CA LEU C 470 -5.46 1.44 40.02
C LEU C 470 -3.99 1.28 39.61
N LYS C 471 -3.19 0.58 40.41
CA LYS C 471 -1.78 0.42 40.04
C LYS C 471 -1.63 -0.35 38.74
N SER C 472 -0.88 0.20 37.80
CA SER C 472 -0.59 -0.52 36.58
C SER C 472 0.43 -1.61 36.86
N PRO C 473 0.31 -2.76 36.17
CA PRO C 473 1.33 -3.82 36.28
C PRO C 473 2.53 -3.56 35.37
N GLY C 474 2.53 -2.42 34.67
CA GLY C 474 3.66 -2.06 33.82
C GLY C 474 3.58 -2.66 32.42
N VAL C 475 4.50 -2.24 31.55
CA VAL C 475 4.45 -2.67 30.15
C VAL C 475 5.59 -3.63 29.80
N ARG C 476 6.23 -4.20 30.81
CA ARG C 476 7.33 -5.13 30.60
C ARG C 476 6.84 -6.56 30.69
N PRO C 477 7.03 -7.33 29.61
CA PRO C 477 6.50 -8.70 29.61
C PRO C 477 7.15 -9.58 30.67
N SER C 478 6.34 -10.49 31.23
CA SER C 478 6.82 -11.50 32.17
C SER C 478 7.02 -12.80 31.42
N ASN C 479 7.45 -13.84 32.13
CA ASN C 479 7.93 -15.06 31.49
C ASN C 479 8.24 -16.19 32.47
N PRO C 480 7.21 -16.94 32.90
CA PRO C 480 7.39 -18.17 33.69
C PRO C 480 7.86 -19.37 32.84
N ARG C 481 7.33 -20.56 33.13
CA ARG C 481 7.84 -21.84 32.61
C ARG C 481 9.16 -22.13 33.30
#